data_1UB2
#
_entry.id   1UB2
#
_cell.length_a   109.208
_cell.length_b   109.208
_cell.length_c   202.661
_cell.angle_alpha   90.00
_cell.angle_beta   90.00
_cell.angle_gamma   90.00
#
_symmetry.space_group_name_H-M   'P 41 21 2'
#
loop_
_entity.id
_entity.type
_entity.pdbx_description
1 polymer Catalase-peroxidase
2 non-polymer 'PROTOPORPHYRIN IX CONTAINING FE'
3 water water
#
_entity_poly.entity_id   1
_entity_poly.type   'polypeptide(L)'
_entity_poly.pdbx_seq_one_letter_code
;MTATQGKCPVMHGGATTVNISTAEWWPKALNLDILSQHDRKTNPMGPDFNYQEEVQKLDAALKQDLQALMTDSQDWWPAD
WGHYGGLMIRLTWHAAGTYRIADGRGGAGTGNQRFAPLNSWPDNTNLDKARRLLWPIKQKYGNKLSWADLIAYAGTIAYE
SMGLKTFGFAFGREDIWHPEKDIYWGPEKEWFPPSTNPNSRYTGDRELENPLAAVTMGLIYVNPEGVDGNPDPLKTAHDV
RVTFARMAMNDEETVALTAGGHTVGKCHGNGNAALLGPEPEGADVEDQGLGWINKTQSGIGRNAVTSGLEGAWTPHPTQW
DNGYFAVCSLNYDWELKKNPAGAWQWEPINPREEDLPVDVEDPSIRRNLVMTDADMAMKMDPEYRKISERFYQDPAYFAD
VFARAWFKLTHRDMGPKARYIGPDVPQEDLIWQDPIPAGNRNYDVQAVKDRIAASGLSISELVSTAWDSARTYRNSDKRG
GANGARIRLAPQKDWEGNEPDRLPKVLAVLEGISAATGATVADVIVLAGNVGVEQKARAAGVEIVLPFAPGRGDATAEQT
DTESFAVLEPIHDAIATGSSRTMRQRLKNCCLIATQLLGLTAPEMTVLIGGLRVLGTNHGGTKHVVFTDREGVLTNDFFV
NLTDMNYLWKPAGKNLYEICDRKTNQVKWTATRVDLVFGSNSILRAYSELYAQDDNKEKFVRDFVAAWTKVMNADRFDLD
;
_entity_poly.pdbx_strand_id   A
#
# COMPACT_ATOMS: atom_id res chain seq x y z
N SER A 21 -10.90 -21.92 -16.62
CA SER A 21 -11.90 -20.89 -17.03
C SER A 21 -11.58 -20.17 -18.33
N THR A 22 -12.44 -19.21 -18.65
CA THR A 22 -12.38 -18.38 -19.86
C THR A 22 -10.98 -17.92 -20.33
N ALA A 23 -9.94 -18.18 -19.54
CA ALA A 23 -8.56 -17.83 -19.94
C ALA A 23 -7.31 -18.27 -19.15
N GLU A 24 -6.87 -19.51 -19.37
CA GLU A 24 -5.59 -19.98 -18.83
C GLU A 24 -5.01 -20.08 -20.25
N TRP A 25 -5.92 -19.89 -21.21
CA TRP A 25 -5.64 -19.94 -22.63
C TRP A 25 -4.60 -18.90 -23.06
N TRP A 26 -4.79 -17.65 -22.62
CA TRP A 26 -3.87 -16.58 -22.99
C TRP A 26 -3.43 -15.88 -21.72
N PRO A 27 -2.45 -16.47 -21.02
CA PRO A 27 -1.94 -15.90 -19.77
C PRO A 27 -1.17 -14.60 -19.89
N LYS A 28 -0.75 -14.23 -21.10
CA LYS A 28 -0.02 -12.97 -21.29
C LYS A 28 -0.96 -11.74 -21.32
N ALA A 29 -2.27 -11.96 -21.31
CA ALA A 29 -3.21 -10.86 -21.38
C ALA A 29 -3.36 -9.97 -20.17
N LEU A 30 -3.62 -8.69 -20.44
CA LEU A 30 -3.81 -7.71 -19.40
C LEU A 30 -4.91 -8.19 -18.48
N ASN A 31 -4.66 -8.01 -17.19
CA ASN A 31 -5.59 -8.41 -16.15
C ASN A 31 -6.42 -7.16 -15.86
N LEU A 32 -7.30 -6.83 -16.80
CA LEU A 32 -8.14 -5.66 -16.70
C LEU A 32 -9.11 -5.69 -15.52
N ASP A 33 -9.41 -6.88 -15.01
CA ASP A 33 -10.31 -7.00 -13.88
C ASP A 33 -9.84 -6.25 -12.64
N ILE A 34 -8.54 -5.94 -12.54
CA ILE A 34 -8.06 -5.25 -11.35
C ILE A 34 -8.56 -3.81 -11.30
N LEU A 35 -9.04 -3.32 -12.45
CA LEU A 35 -9.58 -1.97 -12.60
C LEU A 35 -11.07 -1.90 -12.31
N SER A 36 -11.70 -3.04 -12.10
CA SER A 36 -13.13 -3.07 -11.84
C SER A 36 -13.52 -3.75 -10.52
N GLN A 37 -12.65 -3.63 -9.53
CA GLN A 37 -12.86 -4.21 -8.20
C GLN A 37 -13.73 -3.34 -7.32
N HIS A 38 -14.15 -3.90 -6.20
CA HIS A 38 -14.92 -3.18 -5.20
C HIS A 38 -16.06 -2.36 -5.79
N ASP A 39 -16.82 -2.98 -6.70
CA ASP A 39 -17.94 -2.33 -7.36
C ASP A 39 -19.30 -2.57 -6.67
N ARG A 40 -20.35 -1.95 -7.19
CA ARG A 40 -21.70 -2.06 -6.63
C ARG A 40 -22.18 -3.46 -6.29
N LYS A 41 -22.03 -4.40 -7.23
CA LYS A 41 -22.50 -5.76 -7.02
C LYS A 41 -21.81 -6.55 -5.91
N THR A 42 -20.65 -6.10 -5.44
CA THR A 42 -19.99 -6.80 -4.35
C THR A 42 -20.18 -6.07 -3.02
N ASN A 43 -20.48 -4.78 -3.11
CA ASN A 43 -20.68 -3.97 -1.92
C ASN A 43 -22.11 -4.13 -1.41
N PRO A 44 -22.27 -4.66 -0.18
CA PRO A 44 -23.55 -4.91 0.48
C PRO A 44 -24.19 -3.69 1.13
N MET A 45 -23.47 -2.57 1.13
CA MET A 45 -23.97 -1.35 1.75
C MET A 45 -24.76 -0.54 0.75
N GLY A 46 -25.70 0.24 1.24
CA GLY A 46 -26.47 1.11 0.38
C GLY A 46 -25.47 2.02 -0.29
N PRO A 47 -25.83 2.61 -1.44
CA PRO A 47 -24.93 3.52 -2.16
C PRO A 47 -24.69 4.87 -1.51
N ASP A 48 -25.50 5.25 -0.52
CA ASP A 48 -25.23 6.54 0.10
C ASP A 48 -24.47 6.36 1.41
N PHE A 49 -24.31 5.11 1.81
CA PHE A 49 -23.58 4.78 3.02
C PHE A 49 -22.22 5.47 2.98
N ASN A 50 -21.87 6.15 4.06
CA ASN A 50 -20.60 6.85 4.13
C ASN A 50 -19.95 6.57 5.49
N TYR A 51 -18.97 5.68 5.48
CA TYR A 51 -18.28 5.29 6.70
C TYR A 51 -17.66 6.42 7.51
N GLN A 52 -16.97 7.33 6.82
CA GLN A 52 -16.33 8.45 7.51
C GLN A 52 -17.32 9.16 8.42
N GLU A 53 -18.55 9.34 7.96
CA GLU A 53 -19.51 10.03 8.79
C GLU A 53 -20.12 9.12 9.85
N GLU A 54 -20.14 7.81 9.64
CA GLU A 54 -20.69 6.91 10.65
C GLU A 54 -19.67 6.63 11.74
N VAL A 55 -18.40 6.57 11.38
CA VAL A 55 -17.39 6.27 12.39
C VAL A 55 -17.16 7.50 13.28
N GLN A 56 -17.44 8.69 12.75
CA GLN A 56 -17.29 9.93 13.51
C GLN A 56 -18.32 9.88 14.68
N LYS A 57 -19.36 9.04 14.53
CA LYS A 57 -20.42 8.88 15.56
C LYS A 57 -20.14 7.75 16.52
N LEU A 58 -19.09 6.98 16.25
CA LEU A 58 -18.73 5.84 17.08
C LEU A 58 -18.40 6.29 18.50
N ASP A 59 -18.77 5.46 19.47
CA ASP A 59 -18.48 5.75 20.87
C ASP A 59 -17.09 5.16 21.14
N ALA A 60 -16.05 5.81 20.64
CA ALA A 60 -14.70 5.28 20.82
C ALA A 60 -14.44 4.80 22.25
N ALA A 61 -15.20 5.26 23.23
CA ALA A 61 -14.93 4.75 24.56
C ALA A 61 -15.38 3.26 24.62
N LEU A 62 -15.19 2.61 23.45
CA LEU A 62 -15.39 1.19 23.08
C LEU A 62 -14.07 0.55 23.51
N LYS A 63 -13.18 1.41 23.97
CA LYS A 63 -11.90 1.00 24.46
C LYS A 63 -12.19 0.08 25.63
N GLN A 64 -13.26 0.36 26.38
CA GLN A 64 -13.55 -0.50 27.52
C GLN A 64 -13.86 -1.94 27.05
N ASP A 65 -14.63 -2.12 25.97
CA ASP A 65 -14.95 -3.48 25.51
C ASP A 65 -13.76 -4.26 24.94
N LEU A 66 -12.93 -3.57 24.18
CA LEU A 66 -11.76 -4.18 23.60
C LEU A 66 -10.80 -4.59 24.71
N GLN A 67 -10.64 -3.70 25.70
CA GLN A 67 -9.76 -4.00 26.82
C GLN A 67 -10.31 -5.20 27.61
N ALA A 68 -11.62 -5.29 27.76
CA ALA A 68 -12.23 -6.40 28.48
C ALA A 68 -12.06 -7.71 27.72
N LEU A 69 -12.07 -7.64 26.39
CA LEU A 69 -11.93 -8.85 25.59
C LEU A 69 -10.61 -9.50 25.90
N MET A 70 -9.59 -8.68 26.14
CA MET A 70 -8.25 -9.15 26.45
C MET A 70 -8.22 -10.19 27.57
N THR A 71 -9.11 -10.06 28.55
CA THR A 71 -9.11 -11.04 29.64
C THR A 71 -10.40 -11.86 29.68
N ASP A 72 -11.07 -11.94 28.52
CA ASP A 72 -12.32 -12.69 28.37
C ASP A 72 -12.10 -13.94 27.51
N SER A 73 -11.38 -14.92 28.07
CA SER A 73 -11.06 -16.17 27.42
C SER A 73 -12.24 -16.98 26.94
N GLN A 74 -12.15 -17.47 25.71
CA GLN A 74 -13.20 -18.29 25.12
C GLN A 74 -12.67 -19.72 25.02
N ASP A 75 -13.53 -20.67 25.37
CA ASP A 75 -13.21 -22.09 25.38
C ASP A 75 -12.62 -22.66 24.10
N TRP A 76 -13.18 -22.29 22.96
CA TRP A 76 -12.69 -22.82 21.70
C TRP A 76 -11.29 -22.33 21.30
N TRP A 77 -10.76 -21.33 22.00
CA TRP A 77 -9.39 -20.86 21.76
C TRP A 77 -8.97 -20.00 22.93
N PRO A 78 -8.74 -20.65 24.09
CA PRO A 78 -8.32 -20.00 25.34
C PRO A 78 -7.13 -19.07 25.30
N ALA A 79 -7.22 -18.01 26.09
CA ALA A 79 -6.16 -17.01 26.16
C ALA A 79 -4.97 -17.46 27.00
N ASP A 80 -3.77 -17.23 26.49
CA ASP A 80 -2.58 -17.61 27.21
C ASP A 80 -2.54 -16.79 28.50
N TRP A 81 -2.42 -17.48 29.63
CA TRP A 81 -2.40 -16.83 30.95
C TRP A 81 -3.63 -15.96 31.12
N GLY A 82 -4.70 -16.27 30.39
CA GLY A 82 -5.92 -15.49 30.47
C GLY A 82 -5.81 -14.10 29.85
N HIS A 83 -4.88 -13.92 28.92
CA HIS A 83 -4.69 -12.63 28.26
C HIS A 83 -4.38 -12.75 26.77
N TYR A 84 -5.28 -12.23 25.94
CA TYR A 84 -5.15 -12.28 24.48
C TYR A 84 -4.24 -11.21 23.87
N GLY A 85 -3.69 -10.33 24.69
CA GLY A 85 -2.84 -9.25 24.19
C GLY A 85 -1.74 -9.65 23.22
N GLY A 86 -0.95 -10.66 23.58
CA GLY A 86 0.11 -11.11 22.70
C GLY A 86 -0.49 -11.49 21.36
N LEU A 87 -1.55 -12.30 21.40
CA LEU A 87 -2.22 -12.73 20.18
C LEU A 87 -2.74 -11.56 19.37
N MET A 88 -3.39 -10.61 20.04
CA MET A 88 -3.96 -9.45 19.36
C MET A 88 -2.90 -8.52 18.77
N ILE A 89 -1.78 -8.38 19.46
CA ILE A 89 -0.72 -7.52 18.94
C ILE A 89 -0.17 -8.17 17.66
N ARG A 90 -0.03 -9.49 17.66
CA ARG A 90 0.47 -10.21 16.49
C ARG A 90 -0.49 -10.06 15.32
N LEU A 91 -1.78 -10.01 15.65
CA LEU A 91 -2.85 -9.84 14.67
C LEU A 91 -2.61 -8.56 13.93
N THR A 92 -2.54 -7.46 14.70
CA THR A 92 -2.33 -6.15 14.13
C THR A 92 -1.01 -6.03 13.40
N TRP A 93 0.05 -6.53 14.02
CA TRP A 93 1.37 -6.52 13.43
C TRP A 93 1.32 -7.20 12.03
N HIS A 94 0.75 -8.39 11.97
CA HIS A 94 0.66 -9.10 10.69
C HIS A 94 -0.25 -8.42 9.66
N ALA A 95 -1.32 -7.76 10.13
CA ALA A 95 -2.24 -7.04 9.24
C ALA A 95 -1.47 -5.87 8.61
N ALA A 96 -0.60 -5.27 9.41
CA ALA A 96 0.23 -4.14 9.00
C ALA A 96 1.48 -4.56 8.24
N GLY A 97 2.07 -5.67 8.66
CA GLY A 97 3.32 -6.16 8.08
C GLY A 97 3.38 -6.53 6.61
N THR A 98 2.26 -6.40 5.92
CA THR A 98 2.19 -6.79 4.52
C THR A 98 2.48 -5.61 3.54
N TYR A 99 2.62 -4.40 4.10
CA TYR A 99 2.88 -3.16 3.36
C TYR A 99 4.23 -3.10 2.69
N ARG A 100 4.29 -2.43 1.54
CA ARG A 100 5.58 -2.26 0.89
C ARG A 100 5.61 -0.94 0.16
N ILE A 101 6.72 -0.24 0.35
CA ILE A 101 6.92 1.08 -0.20
C ILE A 101 6.98 1.19 -1.71
N ALA A 102 7.49 0.17 -2.40
CA ALA A 102 7.59 0.25 -3.86
C ALA A 102 6.29 0.68 -4.53
N ASP A 103 5.17 0.09 -4.12
CA ASP A 103 3.87 0.45 -4.69
C ASP A 103 2.79 0.82 -3.65
N GLY A 104 3.13 0.77 -2.37
CA GLY A 104 2.16 1.13 -1.34
C GLY A 104 1.08 0.09 -1.09
N ARG A 105 1.19 -1.06 -1.76
CA ARG A 105 0.22 -2.12 -1.61
C ARG A 105 0.48 -2.91 -0.35
N GLY A 106 -0.56 -3.58 0.12
CA GLY A 106 -0.43 -4.34 1.35
C GLY A 106 -0.64 -3.32 2.46
N GLY A 107 -0.74 -3.81 3.69
CA GLY A 107 -0.97 -2.93 4.82
C GLY A 107 -2.30 -3.26 5.48
N ALA A 108 -2.59 -2.59 6.59
CA ALA A 108 -3.82 -2.83 7.34
C ALA A 108 -4.99 -1.89 6.97
N GLY A 109 -4.79 -1.02 5.99
CA GLY A 109 -5.82 -0.07 5.61
C GLY A 109 -7.13 -0.52 5.00
N THR A 110 -7.28 -1.82 4.73
CA THR A 110 -8.52 -2.32 4.14
C THR A 110 -9.08 -3.56 4.84
N GLY A 111 -8.42 -4.03 5.89
CA GLY A 111 -8.89 -5.20 6.61
C GLY A 111 -8.78 -6.46 5.75
N ASN A 112 -7.82 -6.46 4.82
CA ASN A 112 -7.61 -7.58 3.92
C ASN A 112 -7.27 -8.93 4.55
N GLN A 113 -6.91 -8.93 5.83
CA GLN A 113 -6.55 -10.20 6.44
C GLN A 113 -7.72 -11.16 6.63
N ARG A 114 -8.95 -10.66 6.49
CA ARG A 114 -10.18 -11.45 6.65
C ARG A 114 -10.54 -12.13 5.33
N PHE A 115 -9.74 -11.90 4.30
CA PHE A 115 -9.97 -12.48 2.97
C PHE A 115 -8.75 -13.22 2.43
N ALA A 116 -8.95 -14.00 1.37
CA ALA A 116 -7.85 -14.72 0.74
C ALA A 116 -6.97 -13.67 0.07
N PRO A 117 -5.67 -13.94 -0.06
CA PRO A 117 -5.01 -15.16 0.38
C PRO A 117 -4.42 -14.98 1.77
N LEU A 118 -4.35 -13.72 2.21
CA LEU A 118 -3.76 -13.40 3.51
C LEU A 118 -4.33 -14.14 4.70
N ASN A 119 -5.62 -14.46 4.67
CA ASN A 119 -6.22 -15.17 5.79
C ASN A 119 -5.71 -16.60 5.93
N SER A 120 -5.00 -17.07 4.90
CA SER A 120 -4.49 -18.43 4.86
C SER A 120 -2.99 -18.57 4.64
N TRP A 121 -2.26 -17.47 4.81
CA TRP A 121 -0.81 -17.51 4.68
C TRP A 121 -0.27 -18.26 5.89
N PRO A 122 0.82 -19.01 5.73
CA PRO A 122 1.39 -19.76 6.86
C PRO A 122 1.71 -18.83 8.03
N ASP A 123 2.23 -17.65 7.73
CA ASP A 123 2.59 -16.69 8.78
C ASP A 123 1.39 -16.19 9.56
N ASN A 124 0.20 -16.31 8.99
CA ASN A 124 -1.00 -15.85 9.68
C ASN A 124 -1.73 -16.99 10.40
N THR A 125 -1.03 -18.10 10.58
CA THR A 125 -1.60 -19.24 11.27
C THR A 125 -2.14 -18.81 12.62
N ASN A 126 -3.39 -19.19 12.86
CA ASN A 126 -4.17 -18.92 14.06
C ASN A 126 -4.61 -17.48 14.29
N LEU A 127 -4.30 -16.61 13.34
CA LEU A 127 -4.77 -15.24 13.47
C LEU A 127 -6.27 -15.28 13.13
N ASP A 128 -6.72 -16.40 12.56
CA ASP A 128 -8.13 -16.56 12.24
C ASP A 128 -8.87 -16.57 13.57
N LYS A 129 -8.23 -17.14 14.59
CA LYS A 129 -8.84 -17.20 15.92
C LYS A 129 -8.94 -15.77 16.49
N ALA A 130 -7.87 -15.00 16.30
CA ALA A 130 -7.83 -13.62 16.79
C ALA A 130 -8.96 -12.78 16.20
N ARG A 131 -9.12 -12.86 14.87
CA ARG A 131 -10.16 -12.12 14.17
C ARG A 131 -11.55 -12.52 14.65
N ARG A 132 -11.75 -13.82 14.79
CA ARG A 132 -13.02 -14.37 15.24
C ARG A 132 -13.35 -13.91 16.66
N LEU A 133 -12.32 -13.73 17.47
CA LEU A 133 -12.50 -13.29 18.85
C LEU A 133 -12.97 -11.83 18.94
N LEU A 134 -12.77 -11.09 17.86
CA LEU A 134 -13.15 -9.69 17.76
C LEU A 134 -14.56 -9.48 17.22
N TRP A 135 -15.17 -10.57 16.77
CA TRP A 135 -16.49 -10.49 16.17
C TRP A 135 -17.60 -9.96 17.07
N PRO A 136 -17.67 -10.40 18.34
CA PRO A 136 -18.72 -9.88 19.21
C PRO A 136 -18.70 -8.36 19.27
N ILE A 137 -17.49 -7.78 19.25
CA ILE A 137 -17.34 -6.33 19.28
C ILE A 137 -17.82 -5.70 17.98
N LYS A 138 -17.48 -6.31 16.85
CA LYS A 138 -17.89 -5.82 15.54
C LYS A 138 -19.43 -5.92 15.44
N GLN A 139 -19.99 -6.96 16.02
CA GLN A 139 -21.42 -7.16 16.02
C GLN A 139 -22.10 -6.04 16.83
N LYS A 140 -21.48 -5.67 17.95
CA LYS A 140 -21.98 -4.63 18.84
C LYS A 140 -21.96 -3.20 18.29
N TYR A 141 -20.83 -2.83 17.67
CA TYR A 141 -20.68 -1.48 17.11
C TYR A 141 -21.13 -1.32 15.66
N GLY A 142 -21.36 -2.44 14.99
CA GLY A 142 -21.86 -2.44 13.62
C GLY A 142 -21.21 -1.64 12.51
N ASN A 143 -22.03 -0.95 11.74
CA ASN A 143 -21.56 -0.17 10.59
C ASN A 143 -20.64 0.98 10.94
N LYS A 144 -20.57 1.32 12.22
CA LYS A 144 -19.71 2.42 12.68
C LYS A 144 -18.30 1.98 13.01
N LEU A 145 -18.06 0.67 12.99
CA LEU A 145 -16.74 0.11 13.27
C LEU A 145 -16.38 -0.93 12.20
N SER A 146 -15.57 -0.54 11.22
CA SER A 146 -15.17 -1.45 10.16
C SER A 146 -14.24 -2.53 10.70
N TRP A 147 -14.21 -3.67 10.01
CA TRP A 147 -13.32 -4.75 10.43
C TRP A 147 -11.89 -4.25 10.28
N ALA A 148 -11.65 -3.40 9.29
CA ALA A 148 -10.32 -2.85 9.08
C ALA A 148 -9.82 -2.06 10.28
N ASP A 149 -10.65 -1.18 10.84
CA ASP A 149 -10.23 -0.39 11.99
C ASP A 149 -10.09 -1.26 13.24
N LEU A 150 -11.06 -2.14 13.43
CA LEU A 150 -11.03 -3.02 14.57
C LEU A 150 -9.76 -3.86 14.62
N ILE A 151 -9.38 -4.45 13.49
CA ILE A 151 -8.18 -5.27 13.45
C ILE A 151 -6.94 -4.39 13.70
N ALA A 152 -6.97 -3.17 13.17
CA ALA A 152 -5.83 -2.28 13.33
C ALA A 152 -5.74 -1.70 14.73
N TYR A 153 -6.86 -1.63 15.44
CA TYR A 153 -6.90 -1.07 16.80
C TYR A 153 -6.59 -2.10 17.88
N ALA A 154 -6.99 -3.35 17.64
CA ALA A 154 -6.79 -4.42 18.61
C ALA A 154 -5.43 -4.45 19.33
N GLY A 155 -4.35 -4.46 18.55
CA GLY A 155 -3.03 -4.51 19.16
C GLY A 155 -2.68 -3.29 19.99
N THR A 156 -3.20 -2.13 19.59
CA THR A 156 -2.93 -0.89 20.32
C THR A 156 -3.57 -0.92 21.70
N ILE A 157 -4.82 -1.37 21.78
CA ILE A 157 -5.50 -1.46 23.06
C ILE A 157 -4.83 -2.54 23.91
N ALA A 158 -4.38 -3.62 23.27
CA ALA A 158 -3.70 -4.71 23.98
C ALA A 158 -2.46 -4.12 24.65
N TYR A 159 -1.68 -3.35 23.91
CA TYR A 159 -0.50 -2.72 24.47
C TYR A 159 -0.88 -1.83 25.63
N GLU A 160 -1.94 -1.03 25.47
CA GLU A 160 -2.39 -0.15 26.55
C GLU A 160 -2.67 -0.96 27.80
N SER A 161 -3.45 -2.03 27.65
CA SER A 161 -3.84 -2.88 28.78
C SER A 161 -2.66 -3.57 29.45
N MET A 162 -1.60 -3.80 28.69
CA MET A 162 -0.42 -4.47 29.22
C MET A 162 0.60 -3.49 29.79
N GLY A 163 0.29 -2.19 29.71
CA GLY A 163 1.17 -1.19 30.28
C GLY A 163 1.90 -0.16 29.43
N LEU A 164 1.86 -0.30 28.10
CA LEU A 164 2.55 0.61 27.19
C LEU A 164 1.73 1.85 26.89
N LYS A 165 2.39 3.00 26.93
CA LYS A 165 1.75 4.27 26.61
C LYS A 165 1.80 4.35 25.08
N THR A 166 0.68 4.05 24.42
CA THR A 166 0.66 4.11 22.98
C THR A 166 0.67 5.58 22.57
N PHE A 167 1.04 5.83 21.32
CA PHE A 167 1.17 7.17 20.80
C PHE A 167 -0.13 7.75 20.27
N GLY A 168 -1.02 6.87 19.84
CA GLY A 168 -2.29 7.34 19.31
C GLY A 168 -2.91 6.36 18.33
N PHE A 169 -4.08 6.74 17.84
CA PHE A 169 -4.82 5.92 16.90
C PHE A 169 -5.87 6.73 16.17
N ALA A 170 -6.08 6.39 14.90
CA ALA A 170 -7.06 7.03 14.04
C ALA A 170 -7.93 5.99 13.35
N PHE A 171 -9.24 6.23 13.35
CA PHE A 171 -10.17 5.37 12.65
C PHE A 171 -10.26 5.94 11.24
N GLY A 172 -10.99 5.26 10.37
CA GLY A 172 -11.12 5.79 9.03
C GLY A 172 -10.84 4.82 7.91
N ARG A 173 -10.53 3.58 8.27
CA ARG A 173 -10.26 2.54 7.29
C ARG A 173 -11.57 1.87 6.87
N GLU A 174 -11.95 2.06 5.61
CA GLU A 174 -13.17 1.50 5.07
C GLU A 174 -13.00 0.02 4.68
N ASP A 175 -14.01 -0.79 4.95
CA ASP A 175 -13.95 -2.23 4.64
C ASP A 175 -14.07 -2.54 3.16
N ILE A 176 -13.49 -3.68 2.79
CA ILE A 176 -13.49 -4.20 1.43
C ILE A 176 -14.33 -5.48 1.52
N TRP A 177 -14.69 -6.06 0.38
CA TRP A 177 -15.52 -7.26 0.40
C TRP A 177 -15.02 -8.45 -0.36
N HIS A 178 -13.80 -8.36 -0.86
CA HIS A 178 -13.19 -9.45 -1.57
C HIS A 178 -11.72 -9.13 -1.66
N PRO A 179 -10.90 -10.13 -1.98
CA PRO A 179 -9.44 -10.01 -2.10
C PRO A 179 -9.02 -8.83 -2.98
N GLU A 180 -7.88 -8.24 -2.66
CA GLU A 180 -7.37 -7.13 -3.45
C GLU A 180 -6.64 -7.80 -4.62
N LYS A 181 -7.35 -7.91 -5.74
CA LYS A 181 -6.81 -8.56 -6.95
C LYS A 181 -5.59 -7.88 -7.57
N ASP A 182 -5.39 -6.61 -7.28
CA ASP A 182 -4.28 -5.85 -7.83
C ASP A 182 -2.90 -6.13 -7.26
N ILE A 183 -2.85 -6.75 -6.08
CA ILE A 183 -1.58 -7.02 -5.42
C ILE A 183 -0.87 -8.28 -5.92
N TYR A 184 0.33 -8.12 -6.45
CA TYR A 184 1.12 -9.25 -6.90
C TYR A 184 1.96 -9.61 -5.67
N TRP A 185 1.71 -10.80 -5.11
CA TRP A 185 2.40 -11.21 -3.90
C TRP A 185 3.74 -11.93 -4.06
N GLY A 186 4.07 -12.33 -5.27
CA GLY A 186 5.32 -13.04 -5.48
C GLY A 186 5.16 -14.06 -6.58
N PRO A 187 6.26 -14.60 -7.12
CA PRO A 187 6.22 -15.58 -8.20
C PRO A 187 6.01 -17.06 -7.86
N GLU A 188 6.17 -17.43 -6.60
CA GLU A 188 6.03 -18.82 -6.17
C GLU A 188 4.63 -19.40 -6.30
N LYS A 189 4.56 -20.68 -6.66
CA LYS A 189 3.29 -21.37 -6.79
C LYS A 189 3.27 -22.46 -5.69
N GLU A 190 4.03 -22.21 -4.61
CA GLU A 190 4.14 -23.08 -3.42
C GLU A 190 4.30 -22.14 -2.20
N TRP A 191 3.95 -22.62 -1.01
CA TRP A 191 4.05 -21.85 0.25
C TRP A 191 5.43 -21.95 0.94
N PHE A 192 6.04 -20.80 1.28
CA PHE A 192 7.33 -20.72 2.01
C PHE A 192 8.44 -21.66 1.44
N PRO A 193 8.68 -21.60 0.11
CA PRO A 193 9.72 -22.48 -0.43
C PRO A 193 11.13 -21.88 -0.23
N PRO A 194 12.19 -22.71 -0.36
CA PRO A 194 13.59 -22.27 -0.21
C PRO A 194 13.87 -21.21 -1.29
N SER A 195 14.87 -20.36 -1.08
CA SER A 195 15.20 -19.31 -2.05
C SER A 195 16.04 -19.88 -3.21
N THR A 196 16.41 -21.14 -3.05
CA THR A 196 17.21 -21.86 -4.02
C THR A 196 16.29 -22.92 -4.67
N ASN A 197 15.38 -22.41 -5.51
CA ASN A 197 14.33 -23.16 -6.21
C ASN A 197 13.90 -22.44 -7.50
N PRO A 198 13.09 -23.10 -8.34
CA PRO A 198 12.56 -22.52 -9.59
C PRO A 198 11.51 -21.51 -9.11
N ASN A 199 11.15 -20.53 -9.94
CA ASN A 199 10.17 -19.50 -9.53
C ASN A 199 10.64 -18.75 -8.28
N SER A 200 11.94 -18.62 -8.09
CA SER A 200 12.49 -17.93 -6.91
C SER A 200 12.34 -16.42 -7.03
N ARG A 201 12.16 -15.74 -5.89
CA ARG A 201 12.03 -14.27 -5.91
C ARG A 201 13.42 -13.67 -5.70
N TYR A 202 14.46 -14.53 -5.76
CA TYR A 202 15.84 -14.10 -5.59
C TYR A 202 16.73 -14.31 -6.81
N THR A 203 17.56 -13.31 -7.04
CA THR A 203 18.42 -13.15 -8.21
C THR A 203 19.87 -12.71 -7.83
N GLY A 204 20.82 -12.74 -8.77
CA GLY A 204 22.18 -12.35 -8.43
C GLY A 204 22.56 -12.92 -7.07
N ASP A 205 23.07 -12.09 -6.16
CA ASP A 205 23.46 -12.56 -4.82
C ASP A 205 22.41 -12.06 -3.81
N ARG A 206 21.39 -12.90 -3.56
CA ARG A 206 20.30 -12.58 -2.64
C ARG A 206 19.82 -11.14 -2.82
N GLU A 207 19.29 -10.88 -4.01
CA GLU A 207 18.76 -9.59 -4.43
C GLU A 207 17.26 -9.83 -4.63
N LEU A 208 16.46 -9.34 -3.68
CA LEU A 208 15.01 -9.51 -3.68
C LEU A 208 14.30 -8.84 -4.86
N GLU A 209 13.46 -9.60 -5.56
CA GLU A 209 12.70 -9.10 -6.71
C GLU A 209 12.06 -7.81 -6.21
N ASN A 210 12.31 -6.73 -6.93
CA ASN A 210 11.91 -5.42 -6.42
C ASN A 210 10.63 -5.05 -5.71
N PRO A 211 9.45 -5.29 -6.32
CA PRO A 211 8.27 -4.88 -5.55
C PRO A 211 8.19 -5.52 -4.16
N LEU A 212 8.47 -6.82 -4.11
CA LEU A 212 8.39 -7.60 -2.88
C LEU A 212 9.18 -7.14 -1.64
N ALA A 213 8.55 -7.31 -0.47
CA ALA A 213 9.11 -6.93 0.82
C ALA A 213 9.20 -8.10 1.80
N ALA A 214 9.13 -9.33 1.28
CA ALA A 214 9.24 -10.53 2.11
C ALA A 214 10.19 -11.50 1.42
N VAL A 215 10.85 -12.34 2.21
CA VAL A 215 11.85 -13.30 1.74
C VAL A 215 11.32 -14.54 1.02
N THR A 216 10.02 -14.76 1.15
CA THR A 216 9.39 -15.89 0.50
C THR A 216 7.89 -15.67 0.54
N MET A 217 7.18 -16.54 -0.17
CA MET A 217 5.74 -16.49 -0.28
C MET A 217 5.05 -16.98 0.98
N GLY A 218 4.06 -16.21 1.46
CA GLY A 218 3.33 -16.62 2.64
C GLY A 218 3.87 -16.11 3.96
N LEU A 219 4.99 -15.39 3.91
CA LEU A 219 5.59 -14.82 5.10
C LEU A 219 5.47 -13.30 5.02
N ILE A 220 5.40 -12.67 6.18
CA ILE A 220 5.27 -11.22 6.30
C ILE A 220 6.57 -10.51 6.01
N TYR A 221 7.59 -10.69 6.82
CA TYR A 221 8.83 -10.04 6.50
C TYR A 221 9.97 -11.07 6.29
N VAL A 222 10.35 -11.81 7.35
CA VAL A 222 11.50 -12.75 7.40
C VAL A 222 11.24 -14.19 7.92
N ASN A 223 12.13 -15.15 7.65
CA ASN A 223 11.96 -16.55 8.17
C ASN A 223 12.48 -16.54 9.62
N PRO A 224 11.63 -16.90 10.60
CA PRO A 224 12.11 -16.89 11.98
C PRO A 224 13.22 -17.87 12.38
N GLU A 225 13.39 -18.95 11.62
CA GLU A 225 14.40 -19.97 11.92
C GLU A 225 15.73 -19.71 11.23
N GLY A 226 15.76 -18.74 10.33
CA GLY A 226 16.98 -18.41 9.61
C GLY A 226 16.70 -18.38 8.13
N VAL A 227 17.64 -17.81 7.37
CA VAL A 227 17.51 -17.72 5.93
C VAL A 227 17.27 -19.14 5.39
N ASP A 228 16.18 -19.33 4.67
CA ASP A 228 15.80 -20.63 4.11
C ASP A 228 15.77 -21.72 5.16
N GLY A 229 15.50 -21.33 6.41
CA GLY A 229 15.42 -22.28 7.50
C GLY A 229 16.72 -22.65 8.18
N ASN A 230 17.82 -22.04 7.77
CA ASN A 230 19.10 -22.35 8.38
C ASN A 230 19.53 -21.23 9.30
N PRO A 231 19.60 -21.52 10.60
CA PRO A 231 19.99 -20.53 11.58
C PRO A 231 21.39 -19.91 11.44
N ASP A 232 21.46 -18.66 11.13
CA ASP A 232 22.57 -17.73 11.41
C ASP A 232 22.01 -16.31 11.59
N PRO A 233 22.23 -15.76 12.73
CA PRO A 233 21.71 -14.45 13.10
C PRO A 233 22.30 -13.32 12.26
N LEU A 234 23.46 -13.54 11.67
CA LEU A 234 24.06 -12.50 10.87
C LEU A 234 23.43 -12.40 9.49
N LYS A 235 23.10 -13.54 8.87
CA LYS A 235 22.48 -13.51 7.55
C LYS A 235 21.00 -13.17 7.71
N THR A 236 20.44 -13.52 8.87
CA THR A 236 19.05 -13.21 9.15
C THR A 236 18.97 -11.71 9.30
N ALA A 237 19.95 -11.13 9.99
CA ALA A 237 19.95 -9.69 10.17
C ALA A 237 19.91 -8.99 8.80
N HIS A 238 20.58 -9.53 7.79
CA HIS A 238 20.54 -8.87 6.46
C HIS A 238 19.12 -8.85 5.90
N ASP A 239 18.36 -9.95 6.05
CA ASP A 239 16.99 -10.00 5.54
C ASP A 239 16.07 -9.08 6.30
N VAL A 240 16.30 -8.98 7.60
CA VAL A 240 15.49 -8.13 8.44
C VAL A 240 15.67 -6.67 8.05
N ARG A 241 16.92 -6.28 7.80
CA ARG A 241 17.20 -4.90 7.41
C ARG A 241 16.59 -4.59 6.06
N VAL A 242 16.74 -5.52 5.12
CA VAL A 242 16.20 -5.34 3.78
C VAL A 242 14.67 -5.32 3.74
N THR A 243 14.01 -6.31 4.33
CA THR A 243 12.55 -6.34 4.31
C THR A 243 11.92 -5.19 5.06
N PHE A 244 12.41 -4.87 6.26
CA PHE A 244 11.84 -3.75 6.99
C PHE A 244 12.04 -2.43 6.26
N ALA A 245 13.15 -2.27 5.55
CA ALA A 245 13.38 -1.02 4.81
C ALA A 245 12.33 -0.94 3.71
N ARG A 246 12.01 -2.08 3.11
CA ARG A 246 11.01 -2.09 2.06
C ARG A 246 9.64 -1.83 2.63
N MET A 247 9.56 -1.74 3.93
CA MET A 247 8.28 -1.44 4.58
C MET A 247 8.32 -0.06 5.23
N ALA A 248 9.24 0.74 4.69
CA ALA A 248 9.57 2.02 5.43
C ALA A 248 10.11 2.15 6.87
N MET A 249 10.84 1.14 7.35
CA MET A 249 11.41 1.16 8.71
C MET A 249 12.94 1.13 8.68
N ASN A 250 13.57 2.02 9.43
CA ASN A 250 15.02 2.03 9.47
C ASN A 250 15.52 1.17 10.61
N ASP A 251 16.84 1.13 10.80
CA ASP A 251 17.43 0.32 11.87
C ASP A 251 16.85 0.54 13.24
N GLU A 252 16.71 1.80 13.64
CA GLU A 252 16.18 2.09 14.97
C GLU A 252 14.74 1.61 15.13
N GLU A 253 13.87 1.93 14.17
CA GLU A 253 12.47 1.52 14.22
C GLU A 253 12.34 -0.01 14.22
N THR A 254 13.24 -0.67 13.51
CA THR A 254 13.27 -2.13 13.39
C THR A 254 13.63 -2.84 14.70
N VAL A 255 14.71 -2.39 15.34
CA VAL A 255 15.12 -3.00 16.61
C VAL A 255 14.01 -2.74 17.61
N ALA A 256 13.48 -1.51 17.56
CA ALA A 256 12.40 -1.09 18.46
C ALA A 256 11.19 -1.99 18.28
N LEU A 257 10.75 -2.16 17.04
CA LEU A 257 9.60 -3.00 16.76
C LEU A 257 9.79 -4.44 17.20
N THR A 258 10.92 -5.01 16.83
CA THR A 258 11.22 -6.40 17.19
C THR A 258 11.19 -6.62 18.69
N ALA A 259 11.94 -5.81 19.43
CA ALA A 259 11.98 -5.94 20.87
C ALA A 259 10.66 -5.62 21.54
N GLY A 260 10.03 -4.53 21.08
CA GLY A 260 8.77 -4.11 21.66
C GLY A 260 7.70 -5.14 21.39
N GLY A 261 7.77 -5.74 20.20
CA GLY A 261 6.78 -6.75 19.87
C GLY A 261 6.91 -7.98 20.74
N HIS A 262 8.14 -8.48 20.89
CA HIS A 262 8.40 -9.69 21.66
C HIS A 262 8.51 -9.52 23.16
N THR A 263 8.24 -8.29 23.62
CA THR A 263 8.26 -7.96 25.03
C THR A 263 7.04 -8.64 25.67
N VAL A 264 6.06 -9.01 24.85
CA VAL A 264 4.86 -9.68 25.34
C VAL A 264 4.55 -10.89 24.45
N GLY A 265 3.68 -11.77 24.95
CA GLY A 265 3.30 -12.96 24.18
C GLY A 265 4.35 -14.05 24.09
N LYS A 266 4.11 -15.03 23.22
CA LYS A 266 5.03 -16.16 23.05
C LYS A 266 4.90 -16.87 21.70
N CYS A 267 5.74 -17.88 21.51
CA CYS A 267 5.73 -18.72 20.32
C CYS A 267 5.00 -20.03 20.69
N HIS A 268 4.23 -20.58 19.76
CA HIS A 268 3.49 -21.81 20.02
C HIS A 268 3.95 -22.93 19.09
N GLY A 269 4.45 -24.01 19.69
CA GLY A 269 4.90 -25.14 18.89
C GLY A 269 4.99 -26.39 19.75
N ASN A 270 3.96 -26.66 20.52
CA ASN A 270 3.97 -27.82 21.39
C ASN A 270 3.10 -28.93 20.85
N GLY A 271 3.60 -29.57 19.80
CA GLY A 271 2.86 -30.64 19.19
C GLY A 271 3.44 -30.98 17.83
N ASN A 272 2.83 -31.96 17.20
CA ASN A 272 3.21 -32.40 15.87
C ASN A 272 2.45 -31.35 15.03
N ALA A 273 3.08 -30.74 14.12
CA ALA A 273 2.40 -29.82 13.15
C ALA A 273 1.61 -30.60 12.11
N ALA A 274 2.10 -31.65 11.64
CA ALA A 274 1.58 -32.35 10.50
C ALA A 274 0.12 -32.67 10.79
N LEU A 275 -0.24 -32.57 12.07
CA LEU A 275 -1.61 -32.86 12.46
C LEU A 275 -2.57 -31.70 12.24
N LEU A 276 -2.05 -30.53 11.90
CA LEU A 276 -2.93 -29.40 11.66
C LEU A 276 -3.69 -29.56 10.37
N GLY A 277 -4.98 -29.25 10.45
CA GLY A 277 -5.86 -29.32 9.31
C GLY A 277 -5.51 -28.20 8.34
N PRO A 278 -6.22 -28.15 7.20
CA PRO A 278 -6.02 -27.13 6.16
C PRO A 278 -6.16 -25.70 6.65
N GLU A 279 -5.44 -24.80 5.98
CA GLU A 279 -5.51 -23.39 6.28
C GLU A 279 -6.97 -23.03 5.94
N PRO A 280 -7.47 -21.89 6.44
CA PRO A 280 -8.85 -21.48 6.18
C PRO A 280 -9.49 -21.69 4.81
N GLU A 281 -8.86 -21.16 3.76
CA GLU A 281 -9.43 -21.27 2.43
C GLU A 281 -9.50 -22.72 1.93
N GLY A 282 -8.71 -23.59 2.56
CA GLY A 282 -8.70 -24.99 2.18
C GLY A 282 -9.47 -25.90 3.13
N ALA A 283 -10.04 -25.34 4.19
CA ALA A 283 -10.80 -26.14 5.16
C ALA A 283 -12.24 -26.34 4.68
N ASP A 284 -12.93 -27.35 5.18
CA ASP A 284 -14.31 -27.55 4.74
C ASP A 284 -15.24 -26.73 5.63
N VAL A 285 -16.50 -26.59 5.21
CA VAL A 285 -17.48 -25.76 5.93
C VAL A 285 -17.66 -25.98 7.42
N GLU A 286 -17.42 -27.18 7.93
CA GLU A 286 -17.60 -27.44 9.35
C GLU A 286 -16.64 -26.61 10.22
N ASP A 287 -15.55 -26.11 9.63
CA ASP A 287 -14.59 -25.33 10.39
C ASP A 287 -14.93 -23.86 10.60
N GLN A 288 -16.14 -23.48 10.23
CA GLN A 288 -16.59 -22.11 10.47
C GLN A 288 -15.67 -21.03 9.92
N GLY A 289 -15.01 -21.31 8.81
CA GLY A 289 -14.13 -20.31 8.24
C GLY A 289 -12.80 -20.25 8.97
N LEU A 290 -12.61 -21.11 9.95
CA LEU A 290 -11.35 -21.14 10.67
C LEU A 290 -10.41 -22.16 9.98
N GLY A 291 -9.16 -22.21 10.42
CA GLY A 291 -8.22 -23.13 9.81
C GLY A 291 -7.18 -23.59 10.80
N TRP A 292 -6.27 -24.45 10.32
CA TRP A 292 -5.18 -24.99 11.12
C TRP A 292 -5.72 -25.66 12.40
N ILE A 293 -6.89 -26.28 12.28
CA ILE A 293 -7.55 -26.95 13.39
C ILE A 293 -7.07 -28.37 13.62
N ASN A 294 -6.68 -28.66 14.86
CA ASN A 294 -6.22 -29.99 15.21
C ASN A 294 -7.39 -30.81 15.71
N LYS A 295 -7.69 -31.88 14.99
CA LYS A 295 -8.78 -32.77 15.35
C LYS A 295 -8.22 -34.11 15.79
N THR A 296 -6.91 -34.33 15.60
CA THR A 296 -6.30 -35.58 16.01
C THR A 296 -6.08 -35.52 17.50
N GLN A 297 -5.49 -34.42 17.99
CA GLN A 297 -5.34 -34.21 19.42
C GLN A 297 -5.60 -32.78 19.77
N SER A 298 -5.56 -32.50 21.07
CA SER A 298 -5.78 -31.17 21.58
C SER A 298 -4.81 -30.21 20.89
N GLY A 299 -5.34 -29.10 20.39
CA GLY A 299 -4.50 -28.14 19.71
C GLY A 299 -4.64 -26.74 20.27
N ILE A 300 -5.13 -26.65 21.50
CA ILE A 300 -5.33 -25.36 22.15
C ILE A 300 -4.62 -25.31 23.50
N GLY A 301 -4.53 -24.10 24.06
CA GLY A 301 -3.86 -23.92 25.33
C GLY A 301 -2.36 -24.11 25.19
N ARG A 302 -1.79 -24.96 26.05
CA ARG A 302 -0.37 -25.23 26.01
C ARG A 302 -0.08 -26.17 24.86
N ASN A 303 -1.13 -26.74 24.28
CA ASN A 303 -0.96 -27.67 23.16
C ASN A 303 -1.07 -26.99 21.80
N ALA A 304 -1.08 -25.66 21.82
CA ALA A 304 -1.18 -24.87 20.62
C ALA A 304 0.07 -24.91 19.76
N VAL A 305 -0.14 -25.01 18.45
CA VAL A 305 0.95 -25.02 17.50
C VAL A 305 0.65 -23.97 16.44
N THR A 306 1.55 -23.01 16.30
CA THR A 306 1.38 -21.91 15.36
C THR A 306 2.59 -21.82 14.43
N SER A 307 3.62 -21.11 14.86
CA SER A 307 4.84 -20.95 14.06
C SER A 307 5.65 -22.23 14.12
N GLY A 308 5.48 -22.92 15.24
CA GLY A 308 6.20 -24.13 15.43
C GLY A 308 7.25 -23.89 16.49
N LEU A 309 7.64 -22.65 16.79
CA LEU A 309 8.63 -22.47 17.85
C LEU A 309 7.83 -22.47 19.15
N GLU A 310 8.49 -22.76 20.27
CA GLU A 310 7.79 -22.79 21.55
C GLU A 310 8.59 -22.15 22.68
N GLY A 311 7.94 -21.19 23.34
CA GLY A 311 8.57 -20.50 24.44
C GLY A 311 8.23 -19.02 24.41
N ALA A 312 8.59 -18.30 25.47
CA ALA A 312 8.31 -16.87 25.50
C ALA A 312 9.63 -16.12 25.62
N TRP A 313 9.69 -14.93 25.05
CA TRP A 313 10.90 -14.11 25.10
C TRP A 313 11.19 -13.52 26.46
N THR A 314 10.16 -13.29 27.27
CA THR A 314 10.34 -12.70 28.59
C THR A 314 9.66 -13.48 29.71
N PRO A 315 10.12 -13.27 30.96
CA PRO A 315 9.55 -13.96 32.13
C PRO A 315 8.08 -13.63 32.29
N HIS A 316 7.75 -12.35 32.09
CA HIS A 316 6.39 -11.82 32.23
C HIS A 316 5.84 -11.39 30.88
N PRO A 317 5.41 -12.35 30.05
CA PRO A 317 4.87 -12.05 28.73
C PRO A 317 3.49 -11.39 28.64
N THR A 318 2.82 -11.19 29.78
CA THR A 318 1.54 -10.50 29.74
C THR A 318 1.76 -9.05 30.13
N GLN A 319 3.01 -8.64 30.23
CA GLN A 319 3.20 -7.26 30.58
C GLN A 319 4.37 -6.55 29.97
N TRP A 320 4.13 -5.28 29.67
CA TRP A 320 5.14 -4.43 29.12
C TRP A 320 6.18 -4.26 30.21
N ASP A 321 7.44 -4.41 29.85
CA ASP A 321 8.51 -4.30 30.81
C ASP A 321 9.83 -4.20 30.06
N ASN A 322 10.92 -4.40 30.77
CA ASN A 322 12.21 -4.33 30.12
C ASN A 322 12.83 -5.70 30.04
N GLY A 323 12.00 -6.74 30.09
CA GLY A 323 12.52 -8.09 30.04
C GLY A 323 13.15 -8.59 28.75
N TYR A 324 12.82 -8.01 27.60
CA TYR A 324 13.39 -8.47 26.34
C TYR A 324 14.92 -8.36 26.31
N PHE A 325 15.46 -7.18 26.55
CA PHE A 325 16.90 -7.02 26.53
C PHE A 325 17.46 -7.33 27.90
N ALA A 326 16.65 -6.98 28.92
CA ALA A 326 16.94 -7.15 30.38
C ALA A 326 16.96 -8.61 30.86
N VAL A 327 17.60 -9.35 31.10
CA VAL A 327 18.57 -10.44 31.28
C VAL A 327 18.58 -11.43 30.14
N CYS A 328 17.23 -11.34 29.47
CA CYS A 328 17.05 -12.02 28.19
C CYS A 328 17.60 -11.18 27.05
N SER A 329 17.70 -11.14 25.93
CA SER A 329 18.73 -11.34 24.83
C SER A 329 20.20 -10.93 25.12
N LEU A 330 20.39 -9.92 25.97
CA LEU A 330 21.72 -9.41 26.28
C LEU A 330 22.46 -10.06 27.45
N ASN A 331 21.75 -10.36 28.52
CA ASN A 331 22.40 -10.92 29.69
C ASN A 331 22.56 -12.44 29.82
N TYR A 332 21.86 -13.21 29.01
CA TYR A 332 22.03 -14.65 29.03
C TYR A 332 22.73 -14.93 27.72
N ASP A 333 23.39 -16.07 27.63
CA ASP A 333 24.03 -16.48 26.39
C ASP A 333 23.03 -17.49 25.86
N TRP A 334 22.95 -17.61 24.53
CA TRP A 334 21.97 -18.49 23.89
C TRP A 334 22.55 -19.56 22.96
N GLU A 335 21.87 -20.69 22.86
CA GLU A 335 22.28 -21.81 22.01
C GLU A 335 21.12 -22.40 21.18
N LEU A 336 21.45 -23.03 20.06
CA LEU A 336 20.41 -23.62 19.23
C LEU A 336 19.81 -24.88 19.78
N LYS A 337 18.49 -24.90 19.75
CA LYS A 337 17.70 -26.00 20.23
C LYS A 337 16.60 -26.28 19.23
N LYS A 338 15.88 -27.36 19.48
CA LYS A 338 14.80 -27.76 18.62
C LYS A 338 13.58 -27.83 19.51
N ASN A 339 12.49 -27.26 19.05
CA ASN A 339 11.29 -27.27 19.86
C ASN A 339 10.54 -28.59 19.63
N PRO A 340 9.45 -28.82 20.38
CA PRO A 340 8.71 -30.08 20.20
C PRO A 340 8.20 -30.36 18.79
N ALA A 341 7.94 -29.29 18.04
CA ALA A 341 7.43 -29.43 16.68
C ALA A 341 8.53 -29.45 15.62
N GLY A 342 9.78 -29.49 16.05
CA GLY A 342 10.91 -29.57 15.13
C GLY A 342 11.47 -28.29 14.53
N ALA A 343 11.18 -27.16 15.16
CA ALA A 343 11.65 -25.87 14.69
C ALA A 343 12.89 -25.43 15.44
N TRP A 344 13.77 -24.74 14.73
CA TRP A 344 14.99 -24.20 15.33
C TRP A 344 14.59 -23.01 16.17
N GLN A 345 15.21 -22.87 17.33
CA GLN A 345 14.96 -21.74 18.19
C GLN A 345 16.14 -21.64 19.13
N TRP A 346 16.34 -20.46 19.68
CA TRP A 346 17.45 -20.24 20.58
C TRP A 346 16.94 -20.25 22.02
N GLU A 347 17.64 -20.94 22.90
CA GLU A 347 17.25 -20.99 24.31
C GLU A 347 18.45 -20.51 25.13
N PRO A 348 18.20 -19.98 26.34
CA PRO A 348 19.29 -19.47 27.19
C PRO A 348 20.07 -20.53 27.94
N ILE A 349 21.35 -20.26 28.19
CA ILE A 349 22.17 -21.22 28.94
C ILE A 349 22.06 -20.95 30.45
N ASN A 350 21.66 -21.97 31.20
CA ASN A 350 21.50 -21.88 32.66
C ASN A 350 20.66 -20.71 33.17
N PRO A 351 19.41 -20.61 32.69
CA PRO A 351 18.50 -19.55 33.11
C PRO A 351 18.07 -19.82 34.55
N ARG A 352 17.80 -18.77 35.31
CA ARG A 352 17.36 -18.94 36.69
C ARG A 352 15.86 -19.27 36.62
N GLU A 353 15.35 -19.99 37.61
CA GLU A 353 13.94 -20.34 37.61
C GLU A 353 13.02 -19.13 37.56
N GLU A 354 13.25 -18.09 38.37
CA GLU A 354 12.30 -16.96 38.30
C GLU A 354 12.17 -16.40 36.90
N ASP A 355 13.18 -16.55 36.06
CA ASP A 355 13.04 -15.97 34.73
C ASP A 355 12.29 -16.83 33.73
N LEU A 356 11.84 -18.00 34.15
CA LEU A 356 11.13 -18.86 33.23
C LEU A 356 9.65 -18.52 33.14
N PRO A 357 9.15 -18.34 31.92
CA PRO A 357 7.74 -18.02 31.72
C PRO A 357 6.93 -19.23 32.16
N VAL A 358 5.79 -18.98 32.76
CA VAL A 358 5.00 -20.10 33.22
C VAL A 358 4.10 -20.63 32.11
N ASP A 359 3.53 -21.78 32.40
CA ASP A 359 2.63 -22.47 31.49
C ASP A 359 1.38 -21.60 31.28
N VAL A 360 0.85 -21.62 30.06
CA VAL A 360 -0.32 -20.82 29.71
C VAL A 360 -1.65 -21.18 30.39
N GLU A 361 -1.73 -22.36 30.99
CA GLU A 361 -2.98 -22.79 31.65
C GLU A 361 -2.85 -22.89 33.17
N ASP A 362 -1.65 -23.31 33.61
CA ASP A 362 -1.35 -23.51 35.03
C ASP A 362 -0.10 -22.72 35.45
N PRO A 363 -0.28 -21.64 36.23
CA PRO A 363 0.82 -20.80 36.68
C PRO A 363 1.89 -21.48 37.53
N SER A 364 1.60 -22.67 38.04
CA SER A 364 2.56 -23.37 38.89
C SER A 364 3.58 -24.18 38.14
N ILE A 365 3.48 -24.19 36.82
CA ILE A 365 4.42 -24.95 36.01
C ILE A 365 5.28 -24.00 35.22
N ARG A 366 6.56 -24.31 35.11
CA ARG A 366 7.46 -23.47 34.36
C ARG A 366 7.80 -24.06 33.03
N ARG A 367 7.90 -23.16 32.07
CA ARG A 367 8.20 -23.53 30.73
C ARG A 367 9.50 -22.84 30.35
N ASN A 368 9.75 -22.64 29.07
CA ASN A 368 11.02 -22.06 28.65
C ASN A 368 11.02 -20.72 27.95
N LEU A 369 12.19 -20.10 27.94
CA LEU A 369 12.40 -18.83 27.26
C LEU A 369 12.80 -19.22 25.83
N VAL A 370 12.80 -18.23 24.92
CA VAL A 370 13.22 -18.41 23.52
C VAL A 370 13.57 -17.09 22.92
N MET A 371 14.27 -17.20 21.80
CA MET A 371 14.68 -16.09 20.98
C MET A 371 14.67 -16.67 19.56
N THR A 372 14.12 -15.94 18.58
CA THR A 372 14.13 -16.45 17.22
C THR A 372 15.44 -15.98 16.60
N ASP A 373 15.68 -16.40 15.37
CA ASP A 373 16.90 -16.01 14.70
C ASP A 373 16.90 -14.51 14.46
N ALA A 374 15.71 -13.91 14.40
CA ALA A 374 15.60 -12.48 14.20
C ALA A 374 15.89 -11.74 15.50
N ASP A 375 15.61 -12.38 16.62
CA ASP A 375 15.89 -11.76 17.91
C ASP A 375 17.40 -11.81 18.13
N MET A 376 18.01 -12.96 17.84
CA MET A 376 19.45 -13.08 18.02
C MET A 376 20.18 -12.11 17.10
N ALA A 377 19.56 -11.78 15.97
CA ALA A 377 20.19 -10.84 15.04
C ALA A 377 20.33 -9.46 15.69
N MET A 378 19.41 -9.12 16.58
CA MET A 378 19.44 -7.83 17.27
C MET A 378 20.64 -7.73 18.22
N LYS A 379 21.15 -8.89 18.62
CA LYS A 379 22.28 -8.98 19.52
C LYS A 379 23.59 -9.15 18.73
N MET A 380 23.54 -9.94 17.67
CA MET A 380 24.73 -10.21 16.85
C MET A 380 25.11 -9.21 15.77
N ASP A 381 24.14 -8.65 15.06
CA ASP A 381 24.45 -7.68 14.02
C ASP A 381 25.09 -6.48 14.72
N PRO A 382 26.29 -6.08 14.29
CA PRO A 382 26.99 -4.94 14.92
C PRO A 382 26.17 -3.68 15.13
N GLU A 383 25.41 -3.29 14.11
CA GLU A 383 24.59 -2.09 14.19
C GLU A 383 23.34 -2.23 15.05
N TYR A 384 22.65 -3.36 14.94
CA TYR A 384 21.48 -3.54 15.78
C TYR A 384 21.96 -3.61 17.23
N ARG A 385 23.09 -4.29 17.45
CA ARG A 385 23.60 -4.40 18.80
C ARG A 385 23.75 -3.06 19.53
N LYS A 386 24.20 -2.03 18.83
CA LYS A 386 24.35 -0.72 19.46
C LYS A 386 23.01 -0.11 19.85
N ILE A 387 22.00 -0.33 19.03
CA ILE A 387 20.66 0.20 19.29
C ILE A 387 20.04 -0.59 20.43
N SER A 388 20.26 -1.90 20.41
CA SER A 388 19.75 -2.78 21.47
C SER A 388 20.26 -2.31 22.82
N GLU A 389 21.53 -1.92 22.82
CA GLU A 389 22.22 -1.44 24.01
C GLU A 389 21.60 -0.15 24.52
N ARG A 390 21.28 0.77 23.62
CA ARG A 390 20.67 2.04 24.01
C ARG A 390 19.29 1.80 24.66
N PHE A 391 18.51 0.88 24.08
CA PHE A 391 17.17 0.57 24.63
C PHE A 391 17.27 -0.18 25.97
N TYR A 392 18.39 -0.88 26.19
CA TYR A 392 18.61 -1.63 27.42
C TYR A 392 18.91 -0.66 28.57
N GLN A 393 19.76 0.32 28.28
CA GLN A 393 20.16 1.31 29.29
C GLN A 393 19.28 2.58 29.34
N ASP A 394 18.38 2.73 28.38
CA ASP A 394 17.49 3.88 28.31
C ASP A 394 16.10 3.42 27.91
N PRO A 395 15.38 2.76 28.81
CA PRO A 395 14.04 2.27 28.48
C PRO A 395 13.00 3.34 28.13
N ALA A 396 13.19 4.56 28.62
CA ALA A 396 12.21 5.61 28.30
C ALA A 396 12.28 5.88 26.81
N TYR A 397 13.50 5.82 26.27
CA TYR A 397 13.70 6.05 24.85
C TYR A 397 13.06 4.88 24.09
N PHE A 398 13.37 3.66 24.51
CA PHE A 398 12.83 2.45 23.89
C PHE A 398 11.31 2.54 23.75
N ALA A 399 10.63 2.80 24.86
CA ALA A 399 9.18 2.88 24.87
C ALA A 399 8.65 3.98 23.96
N ASP A 400 9.39 5.08 23.82
CA ASP A 400 8.93 6.18 22.98
C ASP A 400 9.15 5.88 21.51
N VAL A 401 10.30 5.32 21.19
CA VAL A 401 10.64 4.96 19.82
C VAL A 401 9.72 3.83 19.36
N PHE A 402 9.48 2.87 20.24
CA PHE A 402 8.61 1.76 19.87
C PHE A 402 7.18 2.26 19.66
N ALA A 403 6.66 3.03 20.60
CA ALA A 403 5.29 3.55 20.51
C ALA A 403 5.07 4.30 19.21
N ARG A 404 6.02 5.14 18.84
CA ARG A 404 5.91 5.91 17.61
C ARG A 404 5.95 4.99 16.40
N ALA A 405 6.83 4.00 16.44
CA ALA A 405 6.98 3.06 15.34
C ALA A 405 5.75 2.16 15.22
N TRP A 406 5.12 1.86 16.36
CA TRP A 406 3.92 1.02 16.36
C TRP A 406 2.81 1.79 15.67
N PHE A 407 2.76 3.10 15.94
CA PHE A 407 1.76 3.98 15.34
C PHE A 407 2.04 4.12 13.85
N LYS A 408 3.31 4.27 13.46
CA LYS A 408 3.65 4.39 12.05
C LYS A 408 3.23 3.11 11.31
N LEU A 409 3.52 1.97 11.91
CA LEU A 409 3.19 0.67 11.35
C LEU A 409 1.70 0.59 11.01
N THR A 410 0.86 0.97 11.96
CA THR A 410 -0.58 0.93 11.77
C THR A 410 -1.22 2.07 10.98
N HIS A 411 -0.44 3.03 10.52
CA HIS A 411 -1.03 4.13 9.77
C HIS A 411 -0.26 4.55 8.54
N ARG A 412 0.83 3.85 8.23
CA ARG A 412 1.65 4.19 7.08
C ARG A 412 0.95 4.08 5.73
N ASP A 413 -0.29 3.58 5.73
CA ASP A 413 -1.04 3.45 4.49
C ASP A 413 -2.40 4.14 4.60
N MET A 414 -2.49 5.03 5.60
CA MET A 414 -3.69 5.83 5.90
C MET A 414 -3.77 7.11 5.07
N GLY A 415 -2.62 7.55 4.57
CA GLY A 415 -2.58 8.75 3.76
C GLY A 415 -2.60 10.02 4.59
N PRO A 416 -3.08 11.14 4.01
CA PRO A 416 -3.16 12.45 4.65
C PRO A 416 -3.92 12.41 5.96
N LYS A 417 -3.47 13.23 6.91
CA LYS A 417 -4.10 13.31 8.22
C LYS A 417 -5.58 13.63 8.09
N ALA A 418 -5.96 14.27 6.98
CA ALA A 418 -7.36 14.63 6.72
C ALA A 418 -8.25 13.38 6.79
N ARG A 419 -7.66 12.22 6.48
CA ARG A 419 -8.39 10.95 6.52
C ARG A 419 -8.52 10.42 7.94
N TYR A 420 -7.63 10.84 8.85
CA TYR A 420 -7.63 10.39 10.23
C TYR A 420 -8.81 10.87 11.03
N ILE A 421 -9.49 9.96 11.71
CA ILE A 421 -10.59 10.41 12.51
C ILE A 421 -10.52 9.77 13.88
N GLY A 422 -11.04 10.47 14.87
CA GLY A 422 -11.03 9.94 16.22
C GLY A 422 -10.42 10.83 17.27
N PRO A 423 -10.74 10.57 18.54
CA PRO A 423 -10.22 11.35 19.67
C PRO A 423 -8.72 11.21 19.96
N ASP A 424 -8.11 10.11 19.52
CA ASP A 424 -6.71 9.89 19.80
C ASP A 424 -5.73 10.14 18.66
N VAL A 425 -6.14 10.95 17.70
CA VAL A 425 -5.23 11.29 16.61
C VAL A 425 -4.20 12.24 17.20
N PRO A 426 -2.89 11.93 17.04
CA PRO A 426 -1.83 12.79 17.58
C PRO A 426 -1.84 14.15 16.88
N GLN A 427 -1.64 15.21 17.64
CA GLN A 427 -1.61 16.57 17.10
C GLN A 427 -0.35 16.76 16.23
N GLU A 428 0.71 16.04 16.58
CA GLU A 428 1.97 16.11 15.84
C GLU A 428 1.82 15.70 14.37
N ASP A 429 2.41 16.48 13.46
CA ASP A 429 2.36 16.14 12.03
C ASP A 429 3.60 15.31 11.77
N LEU A 430 3.45 14.00 11.56
CA LEU A 430 4.60 13.14 11.28
C LEU A 430 5.00 13.23 9.82
N ILE A 431 6.30 13.26 9.56
CA ILE A 431 6.81 13.38 8.21
C ILE A 431 6.29 12.30 7.27
N TRP A 432 6.10 11.08 7.76
CA TRP A 432 5.62 10.03 6.87
C TRP A 432 4.16 10.20 6.48
N GLN A 433 3.52 11.26 6.96
CA GLN A 433 2.14 11.50 6.59
C GLN A 433 2.05 12.40 5.33
N ASP A 434 3.18 13.01 4.95
CA ASP A 434 3.30 13.93 3.78
C ASP A 434 2.51 15.19 4.09
N PRO A 435 2.62 15.71 5.31
CA PRO A 435 1.85 16.91 5.69
C PRO A 435 1.69 18.03 4.67
N ILE A 436 0.47 18.52 4.55
CA ILE A 436 0.18 19.60 3.62
C ILE A 436 -0.83 20.52 4.27
N PRO A 437 -0.50 21.82 4.37
CA PRO A 437 -1.38 22.82 4.97
C PRO A 437 -2.63 23.11 4.15
N ALA A 438 -3.63 23.70 4.80
CA ALA A 438 -4.85 24.05 4.09
C ALA A 438 -4.50 25.31 3.30
N GLY A 439 -4.82 25.34 2.02
CA GLY A 439 -4.53 26.51 1.21
C GLY A 439 -5.76 27.41 1.22
N ASN A 440 -5.58 28.70 0.93
CA ASN A 440 -6.71 29.62 0.92
C ASN A 440 -7.77 29.26 -0.13
N ARG A 441 -9.04 29.39 0.25
CA ARG A 441 -10.17 29.08 -0.62
C ARG A 441 -10.90 30.30 -1.14
N ASN A 442 -10.58 31.48 -0.63
CA ASN A 442 -11.24 32.72 -1.05
C ASN A 442 -10.33 33.52 -1.97
N TYR A 443 -10.46 33.36 -3.29
CA TYR A 443 -9.57 34.12 -4.15
C TYR A 443 -10.01 34.46 -5.57
N ASP A 444 -11.24 34.10 -5.91
CA ASP A 444 -11.77 34.36 -7.24
C ASP A 444 -11.01 33.57 -8.31
N VAL A 445 -11.57 32.41 -8.58
CA VAL A 445 -11.08 31.45 -9.53
C VAL A 445 -10.93 32.07 -10.93
N GLN A 446 -11.95 32.78 -11.39
CA GLN A 446 -11.91 33.38 -12.72
C GLN A 446 -10.75 34.35 -12.97
N ALA A 447 -10.37 35.12 -11.96
CA ALA A 447 -9.24 36.02 -12.15
C ALA A 447 -8.00 35.16 -12.37
N VAL A 448 -7.87 34.08 -11.60
CA VAL A 448 -6.73 33.18 -11.74
C VAL A 448 -6.70 32.59 -13.16
N LYS A 449 -7.86 32.16 -13.67
CA LYS A 449 -7.92 31.59 -15.01
C LYS A 449 -7.51 32.60 -16.09
N ASP A 450 -8.08 33.81 -16.04
CA ASP A 450 -7.75 34.82 -17.04
C ASP A 450 -6.25 35.09 -17.06
N ARG A 451 -5.62 35.22 -15.91
CA ARG A 451 -4.19 35.46 -15.89
C ARG A 451 -3.44 34.28 -16.50
N ILE A 452 -3.95 33.05 -16.29
CA ILE A 452 -3.31 31.86 -16.87
C ILE A 452 -3.47 31.91 -18.39
N ALA A 453 -4.70 32.14 -18.84
CA ALA A 453 -4.99 32.24 -20.26
C ALA A 453 -4.12 33.32 -20.88
N ALA A 454 -4.02 34.45 -20.17
CA ALA A 454 -3.25 35.60 -20.61
C ALA A 454 -1.74 35.40 -20.68
N SER A 455 -1.22 34.35 -20.03
CA SER A 455 0.22 34.07 -20.07
C SER A 455 0.47 33.47 -21.46
N GLY A 456 1.73 33.22 -21.82
CA GLY A 456 1.99 32.65 -23.12
C GLY A 456 2.18 31.15 -23.11
N LEU A 457 1.61 30.50 -22.10
CA LEU A 457 1.74 29.04 -21.94
C LEU A 457 0.84 28.21 -22.85
N SER A 458 1.43 27.23 -23.54
CA SER A 458 0.64 26.41 -24.45
C SER A 458 -0.34 25.47 -23.78
N ILE A 459 -1.36 25.15 -24.53
CA ILE A 459 -2.39 24.25 -24.05
C ILE A 459 -1.72 22.99 -23.54
N SER A 460 -0.70 22.56 -24.30
CA SER A 460 0.12 21.40 -24.03
C SER A 460 0.94 21.51 -22.73
N GLU A 461 1.55 22.68 -22.51
CA GLU A 461 2.36 22.98 -21.32
C GLU A 461 1.51 23.01 -20.06
N LEU A 462 0.28 23.48 -20.21
CA LEU A 462 -0.68 23.57 -19.11
C LEU A 462 -1.11 22.18 -18.65
N VAL A 463 -1.60 21.39 -19.60
CA VAL A 463 -2.07 20.04 -19.35
C VAL A 463 -1.00 19.08 -18.80
N SER A 464 0.15 19.01 -19.45
CA SER A 464 1.22 18.11 -19.01
C SER A 464 1.66 18.40 -17.59
N THR A 465 1.83 19.67 -17.26
CA THR A 465 2.22 20.08 -15.92
C THR A 465 1.22 19.64 -14.85
N ALA A 466 -0.06 19.87 -15.10
CA ALA A 466 -1.09 19.48 -14.14
C ALA A 466 -1.14 17.95 -14.04
N TRP A 467 -1.04 17.28 -15.18
CA TRP A 467 -1.06 15.83 -15.23
C TRP A 467 0.02 15.28 -14.33
N ASP A 468 1.23 15.77 -14.55
CA ASP A 468 2.40 15.34 -13.80
C ASP A 468 2.29 15.61 -12.30
N SER A 469 1.61 16.67 -11.92
CA SER A 469 1.47 17.00 -10.52
C SER A 469 0.53 16.02 -9.82
N ALA A 470 -0.49 15.57 -10.55
CA ALA A 470 -1.48 14.65 -10.00
C ALA A 470 -1.17 13.17 -10.20
N ARG A 471 -0.40 12.83 -11.22
CA ARG A 471 -0.14 11.42 -11.50
C ARG A 471 0.59 10.62 -10.44
N THR A 472 1.26 11.29 -9.51
CA THR A 472 1.99 10.61 -8.46
C THR A 472 1.08 9.90 -7.45
N TYR A 473 -0.21 10.18 -7.52
CA TYR A 473 -1.12 9.58 -6.56
C TYR A 473 -1.32 8.06 -6.70
N ARG A 474 -1.42 7.40 -5.55
CA ARG A 474 -1.67 5.96 -5.54
C ARG A 474 -2.56 5.65 -4.35
N ASN A 475 -3.71 5.04 -4.65
CA ASN A 475 -4.71 4.69 -3.65
C ASN A 475 -4.29 3.57 -2.71
N SER A 476 -3.18 2.90 -3.03
CA SER A 476 -2.68 1.80 -2.20
C SER A 476 -2.35 2.27 -0.78
N ASP A 477 -1.64 3.39 -0.67
CA ASP A 477 -1.31 3.94 0.64
C ASP A 477 -1.66 5.41 0.70
N LYS A 478 -2.41 5.86 -0.32
CA LYS A 478 -2.89 7.22 -0.42
C LYS A 478 -1.85 8.34 -0.38
N ARG A 479 -0.67 8.07 -0.92
CA ARG A 479 0.37 9.08 -0.97
C ARG A 479 0.38 9.67 -2.38
N GLY A 480 1.01 10.82 -2.56
CA GLY A 480 1.10 11.43 -3.87
C GLY A 480 -0.11 12.27 -4.21
N GLY A 481 -0.10 12.82 -5.42
CA GLY A 481 -1.19 13.64 -5.85
C GLY A 481 -0.77 15.10 -6.04
N ALA A 482 -1.68 15.86 -6.62
CA ALA A 482 -1.46 17.28 -6.90
C ALA A 482 -1.43 18.15 -5.68
N ASN A 483 -2.12 17.78 -4.62
CA ASN A 483 -2.17 18.61 -3.34
C ASN A 483 -0.82 18.62 -2.83
N GLY A 484 -0.19 19.20 -2.26
CA GLY A 484 0.81 20.11 -1.72
C GLY A 484 1.73 20.71 -2.82
N ALA A 485 1.47 20.44 -4.11
CA ALA A 485 2.31 21.11 -5.16
C ALA A 485 3.77 20.78 -4.97
N ARG A 486 4.08 19.56 -4.54
CA ARG A 486 5.47 19.15 -4.30
C ARG A 486 6.32 19.16 -5.58
N ILE A 487 5.60 18.77 -6.77
CA ILE A 487 6.39 18.74 -8.03
C ILE A 487 7.38 19.93 -8.10
N ARG A 488 7.03 21.05 -7.47
CA ARG A 488 7.89 22.23 -7.49
C ARG A 488 9.11 22.03 -6.60
N LEU A 489 9.05 21.03 -5.72
CA LEU A 489 10.16 20.71 -4.79
C LEU A 489 11.07 19.56 -5.22
N ALA A 490 12.23 19.49 -4.58
CA ALA A 490 13.14 18.40 -4.83
C ALA A 490 12.45 17.24 -4.10
N PRO A 491 12.59 16.01 -4.63
CA PRO A 491 13.36 15.72 -5.84
C PRO A 491 12.52 15.79 -7.13
N GLN A 492 11.21 15.95 -6.96
CA GLN A 492 10.25 16.00 -8.06
C GLN A 492 10.57 16.98 -9.22
N LYS A 493 10.87 18.25 -8.90
CA LYS A 493 11.18 19.26 -9.92
C LYS A 493 12.28 18.83 -10.89
N ASP A 494 13.07 17.85 -10.47
CA ASP A 494 14.16 17.39 -11.30
C ASP A 494 13.98 15.99 -11.90
N TRP A 495 12.86 15.33 -11.61
CA TRP A 495 12.63 14.01 -12.19
C TRP A 495 12.57 14.12 -13.71
N GLU A 496 13.24 13.20 -14.40
CA GLU A 496 13.29 13.18 -15.86
C GLU A 496 11.90 13.19 -16.48
N GLY A 497 11.05 12.27 -16.02
CA GLY A 497 9.70 12.18 -16.54
C GLY A 497 8.92 13.47 -16.39
N ASN A 498 9.29 14.29 -15.41
CA ASN A 498 8.59 15.56 -15.21
C ASN A 498 9.07 16.69 -16.14
N GLU A 499 10.05 16.39 -17.01
CA GLU A 499 10.60 17.37 -17.95
C GLU A 499 10.94 18.67 -17.22
N PRO A 500 12.05 18.64 -16.49
CA PRO A 500 12.57 19.75 -15.70
C PRO A 500 12.64 21.15 -16.29
N ASP A 501 12.93 21.32 -17.58
CA ASP A 501 13.02 22.65 -18.17
C ASP A 501 11.64 23.21 -18.49
N ARG A 502 10.77 22.36 -18.98
CA ARG A 502 9.42 22.81 -19.30
C ARG A 502 8.67 23.01 -18.00
N LEU A 503 8.96 22.19 -17.00
CA LEU A 503 8.26 22.33 -15.73
C LEU A 503 8.52 23.70 -15.04
N PRO A 504 9.76 24.23 -15.11
CA PRO A 504 10.06 25.52 -14.48
C PRO A 504 9.57 26.69 -15.32
N LYS A 505 9.57 26.53 -16.65
CA LYS A 505 9.06 27.58 -17.52
C LYS A 505 7.63 27.79 -17.03
N VAL A 506 6.92 26.69 -16.74
CA VAL A 506 5.53 26.77 -16.27
C VAL A 506 5.36 27.16 -14.79
N LEU A 507 6.26 26.69 -13.92
CA LEU A 507 6.15 27.04 -12.50
C LEU A 507 6.42 28.53 -12.31
N ALA A 508 7.41 29.05 -13.03
CA ALA A 508 7.75 30.47 -12.97
C ALA A 508 6.48 31.28 -13.22
N VAL A 509 5.78 31.00 -14.33
CA VAL A 509 4.55 31.73 -14.61
C VAL A 509 3.53 31.52 -13.52
N LEU A 510 3.25 30.25 -13.24
CA LEU A 510 2.24 29.91 -12.26
C LEU A 510 2.56 30.33 -10.84
N GLU A 511 3.84 30.35 -10.47
CA GLU A 511 4.18 30.75 -9.12
C GLU A 511 3.89 32.25 -8.99
N GLY A 512 4.11 33.00 -10.08
CA GLY A 512 3.84 34.42 -10.07
C GLY A 512 2.34 34.67 -9.96
N ILE A 513 1.53 33.92 -10.71
CA ILE A 513 0.09 34.10 -10.65
C ILE A 513 -0.46 33.85 -9.25
N SER A 514 0.09 32.85 -8.55
CA SER A 514 -0.37 32.52 -7.20
C SER A 514 -0.02 33.57 -6.16
N ALA A 515 1.19 34.12 -6.23
CA ALA A 515 1.63 35.16 -5.30
C ALA A 515 0.73 36.38 -5.53
N ALA A 516 0.49 36.66 -6.81
CA ALA A 516 -0.35 37.81 -7.19
C ALA A 516 -1.81 37.61 -6.80
N THR A 517 -2.25 36.37 -6.70
CA THR A 517 -3.62 36.06 -6.27
C THR A 517 -3.41 35.43 -4.89
N GLY A 518 -4.47 35.00 -4.21
CA GLY A 518 -4.27 34.39 -2.91
C GLY A 518 -4.34 32.88 -3.00
N ALA A 519 -4.30 32.39 -4.24
CA ALA A 519 -4.38 30.97 -4.54
C ALA A 519 -3.04 30.30 -4.48
N THR A 520 -3.07 29.08 -3.99
CA THR A 520 -1.89 28.27 -3.82
C THR A 520 -1.29 27.83 -5.15
N VAL A 521 0.01 27.53 -5.15
CA VAL A 521 0.67 27.09 -6.37
C VAL A 521 0.00 25.78 -6.80
N ALA A 522 -0.37 24.96 -5.81
CA ALA A 522 -1.02 23.68 -6.08
C ALA A 522 -2.35 23.87 -6.81
N ASP A 523 -3.18 24.78 -6.29
CA ASP A 523 -4.48 25.10 -6.90
C ASP A 523 -4.29 25.69 -8.28
N VAL A 524 -3.24 26.47 -8.44
CA VAL A 524 -2.96 27.12 -9.71
C VAL A 524 -2.52 26.13 -10.78
N ILE A 525 -1.69 25.16 -10.41
CA ILE A 525 -1.23 24.17 -11.39
C ILE A 525 -2.41 23.37 -11.90
N VAL A 526 -3.35 23.04 -11.02
CA VAL A 526 -4.51 22.29 -11.42
C VAL A 526 -5.44 23.12 -12.28
N LEU A 527 -5.72 24.34 -11.81
CA LEU A 527 -6.59 25.26 -12.51
C LEU A 527 -6.05 25.55 -13.90
N ALA A 528 -4.72 25.59 -14.01
CA ALA A 528 -4.08 25.82 -15.29
C ALA A 528 -4.37 24.65 -16.22
N GLY A 529 -4.24 23.42 -15.70
CA GLY A 529 -4.53 22.24 -16.48
C GLY A 529 -5.95 22.36 -17.00
N ASN A 530 -6.87 22.70 -16.09
CA ASN A 530 -8.29 22.88 -16.43
C ASN A 530 -8.45 23.92 -17.54
N VAL A 531 -7.59 24.92 -17.55
CA VAL A 531 -7.68 25.94 -18.59
C VAL A 531 -7.25 25.33 -19.91
N GLY A 532 -6.15 24.59 -19.89
CA GLY A 532 -5.67 23.95 -21.11
C GLY A 532 -6.76 23.07 -21.70
N VAL A 533 -7.39 22.26 -20.86
CA VAL A 533 -8.46 21.40 -21.33
C VAL A 533 -9.63 22.23 -21.85
N GLU A 534 -9.99 23.29 -21.13
CA GLU A 534 -11.10 24.17 -21.55
C GLU A 534 -10.78 24.82 -22.89
N GLN A 535 -9.53 25.24 -23.09
CA GLN A 535 -9.15 25.85 -24.35
C GLN A 535 -9.24 24.85 -25.49
N LYS A 536 -8.90 23.59 -25.21
CA LYS A 536 -8.95 22.56 -26.23
C LYS A 536 -10.38 22.16 -26.58
N ALA A 537 -11.29 22.13 -25.60
CA ALA A 537 -12.67 21.79 -25.91
C ALA A 537 -13.27 22.96 -26.72
N ARG A 538 -12.88 24.19 -26.37
CA ARG A 538 -13.36 25.39 -27.09
C ARG A 538 -12.94 25.35 -28.57
N ALA A 539 -11.72 24.88 -28.84
CA ALA A 539 -11.24 24.82 -30.22
C ALA A 539 -12.00 23.79 -31.04
N ALA A 540 -12.63 22.82 -30.39
CA ALA A 540 -13.41 21.82 -31.10
C ALA A 540 -14.86 22.29 -31.03
N GLY A 541 -15.02 23.58 -30.75
CA GLY A 541 -16.34 24.15 -30.66
C GLY A 541 -17.20 23.54 -29.58
N VAL A 542 -16.63 23.36 -28.39
CA VAL A 542 -17.39 22.84 -27.24
C VAL A 542 -17.07 23.77 -26.08
N GLU A 543 -18.10 24.28 -25.44
CA GLU A 543 -17.94 25.17 -24.30
C GLU A 543 -18.17 24.39 -23.03
N ILE A 544 -17.22 24.49 -22.11
CA ILE A 544 -17.37 23.77 -20.86
C ILE A 544 -16.62 24.42 -19.71
N VAL A 545 -17.17 24.24 -18.52
CA VAL A 545 -16.55 24.73 -17.31
C VAL A 545 -16.28 23.47 -16.54
N LEU A 546 -14.99 23.17 -16.36
CA LEU A 546 -14.59 22.00 -15.61
C LEU A 546 -14.75 22.30 -14.14
N PRO A 547 -15.32 21.35 -13.39
CA PRO A 547 -15.53 21.52 -11.95
C PRO A 547 -14.17 21.80 -11.33
N PHE A 548 -14.19 22.46 -10.18
CA PHE A 548 -12.94 22.78 -9.53
C PHE A 548 -13.16 22.99 -8.05
N ALA A 549 -12.16 22.63 -7.26
CA ALA A 549 -12.25 22.81 -5.84
C ALA A 549 -10.93 23.36 -5.34
N PRO A 550 -10.99 24.57 -4.75
CA PRO A 550 -9.89 25.34 -4.17
C PRO A 550 -9.52 24.73 -2.84
N GLY A 551 -8.36 25.09 -2.31
CA GLY A 551 -8.00 24.55 -1.01
C GLY A 551 -6.69 23.83 -0.92
N ARG A 552 -6.10 23.47 -2.05
CA ARG A 552 -4.83 22.76 -2.02
C ARG A 552 -3.82 23.66 -1.35
N GLY A 553 -2.92 23.05 -0.58
CA GLY A 553 -1.93 23.85 0.09
C GLY A 553 -0.61 23.54 -0.57
N ASP A 554 0.39 24.35 -0.26
CA ASP A 554 1.72 24.14 -0.79
C ASP A 554 2.50 23.56 0.38
N ALA A 555 3.20 22.47 0.12
CA ALA A 555 3.97 21.78 1.14
C ALA A 555 5.41 22.24 1.13
N THR A 556 6.03 22.21 2.30
CA THR A 556 7.39 22.67 2.46
C THR A 556 8.42 21.57 2.29
N ALA A 557 9.64 21.97 1.94
CA ALA A 557 10.71 21.00 1.77
C ALA A 557 11.00 20.33 3.11
N GLU A 558 10.70 21.03 4.21
CA GLU A 558 10.95 20.49 5.54
C GLU A 558 9.99 19.34 5.81
N GLN A 559 8.75 19.47 5.35
CA GLN A 559 7.78 18.41 5.56
C GLN A 559 7.68 17.47 4.38
N THR A 560 8.78 17.39 3.64
CA THR A 560 8.85 16.52 2.48
C THR A 560 10.09 15.65 2.56
N ASP A 561 9.85 14.36 2.76
CA ASP A 561 10.90 13.36 2.87
C ASP A 561 11.37 12.97 1.48
N THR A 562 12.48 13.55 1.07
CA THR A 562 13.06 13.29 -0.23
C THR A 562 13.28 11.80 -0.50
N GLU A 563 13.69 11.04 0.51
CA GLU A 563 13.92 9.60 0.31
C GLU A 563 12.62 8.80 0.17
N SER A 564 11.58 9.17 0.92
CA SER A 564 10.33 8.41 0.82
C SER A 564 9.58 8.70 -0.47
N PHE A 565 9.89 9.84 -1.11
CA PHE A 565 9.23 10.20 -2.35
C PHE A 565 9.85 9.58 -3.60
N ALA A 566 11.04 8.99 -3.46
CA ALA A 566 11.73 8.37 -4.58
C ALA A 566 10.88 7.30 -5.24
N VAL A 567 10.09 6.67 -4.39
CA VAL A 567 9.19 5.58 -4.72
C VAL A 567 8.00 6.00 -5.60
N LEU A 568 7.74 7.30 -5.63
CA LEU A 568 6.65 7.84 -6.42
C LEU A 568 7.16 8.44 -7.73
N GLU A 569 8.45 8.27 -8.02
CA GLU A 569 8.98 8.84 -9.25
C GLU A 569 8.34 8.18 -10.47
N PRO A 570 7.89 9.00 -11.43
CA PRO A 570 7.28 8.44 -12.63
C PRO A 570 8.33 7.93 -13.61
N ILE A 571 8.79 6.71 -13.40
CA ILE A 571 9.78 6.11 -14.29
C ILE A 571 9.05 5.62 -15.54
N HIS A 572 7.73 5.61 -15.46
CA HIS A 572 6.91 5.19 -16.57
C HIS A 572 5.54 5.86 -16.45
N ASP A 573 5.00 6.27 -17.60
CA ASP A 573 3.68 6.87 -17.66
C ASP A 573 3.19 6.79 -19.08
N ALA A 574 2.35 5.79 -19.32
CA ALA A 574 1.78 5.56 -20.63
C ALA A 574 0.84 6.68 -20.99
N ILE A 575 0.22 7.28 -19.99
CA ILE A 575 -0.70 8.36 -20.24
C ILE A 575 0.04 9.50 -20.98
N ALA A 576 1.36 9.54 -20.89
CA ALA A 576 2.12 10.56 -21.63
C ALA A 576 3.22 9.86 -22.48
N THR A 577 2.93 8.61 -22.84
CA THR A 577 3.78 7.70 -23.61
C THR A 577 5.27 7.92 -23.32
N GLY A 578 5.58 7.76 -22.03
CA GLY A 578 6.93 7.91 -21.51
C GLY A 578 7.39 6.66 -20.77
N SER A 579 8.63 6.25 -21.08
CA SER A 579 9.31 5.09 -20.48
C SER A 579 10.77 5.55 -20.24
N SER A 580 11.17 5.72 -18.98
CA SER A 580 12.52 6.18 -18.63
C SER A 580 13.62 5.26 -19.17
N ARG A 581 13.39 3.96 -19.10
CA ARG A 581 14.33 2.99 -19.61
C ARG A 581 13.61 1.72 -20.01
N THR A 582 14.32 0.86 -20.73
CA THR A 582 13.79 -0.42 -21.17
C THR A 582 13.46 -1.12 -19.85
N MET A 583 12.28 -1.73 -19.71
CA MET A 583 11.92 -2.41 -18.46
C MET A 583 11.40 -3.84 -18.76
N ARG A 584 11.49 -4.79 -17.81
CA ARG A 584 11.07 -6.17 -18.11
C ARG A 584 9.58 -6.24 -18.44
N GLN A 585 8.85 -5.46 -17.67
CA GLN A 585 7.42 -5.30 -17.74
C GLN A 585 6.96 -4.75 -19.12
N ARG A 586 5.81 -5.20 -19.64
CA ARG A 586 5.30 -4.68 -20.92
C ARG A 586 4.81 -3.29 -20.62
N LEU A 587 4.80 -2.45 -21.63
CA LEU A 587 4.37 -1.08 -21.49
C LEU A 587 2.93 -0.98 -21.09
N LYS A 588 2.09 -1.84 -21.65
CA LYS A 588 0.69 -1.83 -21.27
C LYS A 588 0.56 -2.40 -19.85
N ASN A 589 1.49 -3.25 -19.43
CA ASN A 589 1.48 -3.80 -18.07
C ASN A 589 1.69 -2.60 -17.14
N CYS A 590 2.69 -1.79 -17.48
CA CYS A 590 3.00 -0.61 -16.69
C CYS A 590 1.83 0.35 -16.70
N CYS A 591 1.22 0.54 -17.87
CA CYS A 591 0.06 1.41 -18.00
C CYS A 591 -1.03 0.92 -17.05
N LEU A 592 -1.33 -0.38 -17.10
CA LEU A 592 -2.36 -0.96 -16.25
C LEU A 592 -2.08 -0.76 -14.77
N ILE A 593 -0.82 -0.87 -14.37
CA ILE A 593 -0.52 -0.71 -12.96
C ILE A 593 -0.67 0.74 -12.52
N ALA A 594 -0.22 1.71 -13.31
CA ALA A 594 -0.42 3.11 -12.90
C ALA A 594 -1.91 3.40 -12.82
N THR A 595 -2.70 2.96 -13.81
CA THR A 595 -4.12 3.26 -13.74
C THR A 595 -4.84 2.59 -12.56
N GLN A 596 -4.36 1.43 -12.10
CA GLN A 596 -4.97 0.79 -10.93
C GLN A 596 -4.67 1.63 -9.67
N LEU A 597 -3.42 2.08 -9.55
CA LEU A 597 -3.04 2.91 -8.41
C LEU A 597 -3.78 4.24 -8.42
N LEU A 598 -4.00 4.78 -9.61
CA LEU A 598 -4.70 6.04 -9.77
C LEU A 598 -6.19 5.93 -9.42
N GLY A 599 -6.71 4.71 -9.40
CA GLY A 599 -8.12 4.50 -9.08
C GLY A 599 -9.04 4.62 -10.28
N LEU A 600 -8.46 4.49 -11.48
CA LEU A 600 -9.22 4.60 -12.71
C LEU A 600 -9.70 3.28 -13.27
N THR A 601 -10.87 3.32 -13.91
CA THR A 601 -11.49 2.15 -14.55
C THR A 601 -10.91 2.04 -15.98
N ALA A 602 -11.21 0.94 -16.66
CA ALA A 602 -10.73 0.73 -18.03
C ALA A 602 -11.31 1.76 -18.98
N PRO A 603 -12.61 2.06 -18.84
CA PRO A 603 -13.24 3.06 -19.73
C PRO A 603 -12.57 4.43 -19.49
N GLU A 604 -12.25 4.72 -18.22
CA GLU A 604 -11.60 5.97 -17.87
C GLU A 604 -10.19 6.02 -18.43
N MET A 605 -9.45 4.93 -18.30
CA MET A 605 -8.08 4.85 -18.82
C MET A 605 -8.11 5.08 -20.33
N THR A 606 -9.11 4.51 -20.99
CA THR A 606 -9.25 4.63 -22.43
C THR A 606 -9.48 6.06 -22.92
N VAL A 607 -10.46 6.77 -22.36
CA VAL A 607 -10.68 8.15 -22.81
C VAL A 607 -9.49 9.04 -22.48
N LEU A 608 -8.87 8.81 -21.33
CA LEU A 608 -7.70 9.58 -20.94
C LEU A 608 -6.61 9.47 -21.97
N ILE A 609 -6.27 8.24 -22.35
CA ILE A 609 -5.23 8.06 -23.35
C ILE A 609 -5.59 8.75 -24.67
N GLY A 610 -6.83 8.57 -25.12
CA GLY A 610 -7.28 9.17 -26.36
C GLY A 610 -7.25 10.70 -26.32
N GLY A 611 -7.59 11.26 -25.16
CA GLY A 611 -7.58 12.71 -25.02
C GLY A 611 -6.19 13.30 -24.95
N LEU A 612 -5.38 12.82 -24.02
CA LEU A 612 -4.03 13.33 -23.86
C LEU A 612 -3.24 13.25 -25.14
N ARG A 613 -3.49 12.23 -25.94
CA ARG A 613 -2.78 12.10 -27.18
C ARG A 613 -3.10 13.24 -28.13
N VAL A 614 -4.37 13.55 -28.33
CA VAL A 614 -4.64 14.65 -29.25
C VAL A 614 -4.34 16.04 -28.68
N LEU A 615 -4.13 16.14 -27.36
CA LEU A 615 -3.78 17.41 -26.76
C LEU A 615 -2.28 17.68 -26.95
N GLY A 616 -1.56 16.71 -27.50
CA GLY A 616 -0.13 16.86 -27.74
C GLY A 616 0.61 16.94 -26.41
N THR A 617 0.51 15.86 -25.63
CA THR A 617 1.14 15.83 -24.31
C THR A 617 2.25 14.81 -24.11
N ASN A 618 2.70 14.13 -25.17
CA ASN A 618 3.76 13.15 -24.98
C ASN A 618 5.01 13.76 -24.39
N HIS A 619 5.74 12.96 -23.63
CA HIS A 619 7.00 13.39 -23.03
C HIS A 619 7.97 13.55 -24.18
N GLY A 620 8.72 14.66 -24.19
CA GLY A 620 9.66 14.88 -25.26
C GLY A 620 9.02 15.43 -26.54
N GLY A 621 7.76 15.81 -26.46
CA GLY A 621 7.06 16.35 -27.61
C GLY A 621 6.97 15.43 -28.81
N THR A 622 7.04 14.13 -28.54
CA THR A 622 6.98 13.13 -29.58
C THR A 622 5.55 13.00 -30.17
N LYS A 623 5.45 12.59 -31.43
CA LYS A 623 4.14 12.46 -32.08
C LYS A 623 3.66 11.03 -32.10
N HIS A 624 4.30 10.19 -31.31
CA HIS A 624 3.96 8.77 -31.32
C HIS A 624 2.51 8.45 -31.39
N VAL A 625 1.61 9.07 -30.65
CA VAL A 625 0.30 8.72 -31.15
C VAL A 625 -0.59 9.86 -31.29
N VAL A 626 -0.13 10.82 -32.05
CA VAL A 626 -1.02 11.90 -32.15
C VAL A 626 -2.19 11.55 -33.09
N PHE A 627 -2.03 11.04 -34.31
CA PHE A 627 -3.25 10.67 -35.06
C PHE A 627 -4.31 11.79 -35.18
N THR A 628 -3.87 13.03 -35.41
CA THR A 628 -4.79 14.16 -35.62
C THR A 628 -4.03 15.07 -36.54
N ASP A 629 -4.78 15.86 -37.28
CA ASP A 629 -4.20 16.85 -38.13
C ASP A 629 -4.41 18.11 -37.28
N ARG A 630 -4.98 17.94 -36.09
CA ARG A 630 -5.25 19.08 -35.21
C ARG A 630 -4.97 18.91 -33.72
N GLU A 631 -3.69 18.93 -33.35
CA GLU A 631 -3.29 18.82 -31.96
C GLU A 631 -3.80 20.02 -31.22
N GLY A 632 -4.21 19.83 -29.97
CA GLY A 632 -4.68 20.98 -29.24
C GLY A 632 -6.16 21.17 -29.34
N VAL A 633 -6.79 20.22 -30.01
CA VAL A 633 -8.20 20.29 -30.19
C VAL A 633 -8.69 18.97 -29.63
N LEU A 634 -9.62 19.05 -28.67
CA LEU A 634 -10.14 17.87 -28.02
C LEU A 634 -11.18 17.12 -28.85
N THR A 635 -10.71 16.20 -29.68
CA THR A 635 -11.57 15.40 -30.54
C THR A 635 -11.36 13.92 -30.24
N ASN A 636 -12.22 13.08 -30.79
CA ASN A 636 -12.11 11.64 -30.61
C ASN A 636 -11.31 11.07 -31.78
N ASP A 637 -10.39 11.88 -32.31
CA ASP A 637 -9.54 11.50 -33.44
C ASP A 637 -8.65 10.29 -33.20
N PHE A 638 -8.17 10.12 -31.97
CA PHE A 638 -7.32 8.98 -31.67
C PHE A 638 -8.05 7.69 -32.00
N PHE A 639 -9.29 7.58 -31.52
CA PHE A 639 -10.11 6.39 -31.72
C PHE A 639 -10.58 6.19 -33.13
N VAL A 640 -10.97 7.29 -33.78
CA VAL A 640 -11.42 7.20 -35.15
C VAL A 640 -10.31 6.65 -36.04
N ASN A 641 -9.08 7.11 -35.82
CA ASN A 641 -7.97 6.64 -36.62
C ASN A 641 -7.39 5.30 -36.22
N LEU A 642 -7.40 5.01 -34.92
CA LEU A 642 -6.88 3.74 -34.41
C LEU A 642 -7.72 2.56 -34.87
N THR A 643 -9.00 2.87 -35.07
CA THR A 643 -10.01 1.92 -35.43
C THR A 643 -10.24 1.80 -36.95
N ASP A 644 -9.49 2.60 -37.71
CA ASP A 644 -9.62 2.65 -39.17
C ASP A 644 -8.76 1.59 -39.89
N MET A 645 -9.43 0.64 -40.51
CA MET A 645 -8.73 -0.44 -41.22
C MET A 645 -8.09 -0.04 -42.54
N ASN A 646 -8.20 1.22 -42.95
CA ASN A 646 -7.54 1.60 -44.19
C ASN A 646 -6.05 1.64 -43.92
N TYR A 647 -5.67 1.45 -42.66
CA TYR A 647 -4.26 1.43 -42.26
C TYR A 647 -3.84 0.06 -41.74
N LEU A 648 -2.54 -0.24 -41.87
CA LEU A 648 -2.01 -1.48 -41.32
C LEU A 648 -0.90 -1.03 -40.35
N TRP A 649 -0.58 -1.87 -39.37
CA TRP A 649 0.44 -1.53 -38.37
C TRP A 649 1.68 -2.40 -38.56
N LYS A 650 2.81 -1.76 -38.83
CA LYS A 650 4.08 -2.47 -39.07
C LYS A 650 5.03 -2.26 -37.86
N PRO A 651 5.44 -3.36 -37.17
CA PRO A 651 6.35 -3.22 -36.03
C PRO A 651 7.57 -2.47 -36.55
N ALA A 652 8.10 -1.53 -35.77
CA ALA A 652 9.23 -0.74 -36.23
C ALA A 652 10.23 -0.44 -35.12
N GLY A 653 10.78 -1.49 -34.52
CA GLY A 653 11.75 -1.29 -33.46
C GLY A 653 11.19 -1.44 -32.06
N LYS A 654 11.93 -0.94 -31.09
CA LYS A 654 11.50 -1.05 -29.69
C LYS A 654 10.29 -0.18 -29.35
N ASN A 655 9.23 -0.84 -28.91
CA ASN A 655 8.00 -0.15 -28.50
C ASN A 655 7.55 0.88 -29.54
N LEU A 656 7.68 0.55 -30.82
CA LEU A 656 7.32 1.48 -31.89
C LEU A 656 6.70 0.80 -33.11
N TYR A 657 5.71 1.46 -33.70
CA TYR A 657 5.04 0.94 -34.89
C TYR A 657 4.83 2.06 -35.90
N GLU A 658 4.72 1.66 -37.15
CA GLU A 658 4.47 2.59 -38.25
C GLU A 658 3.03 2.35 -38.65
N ILE A 659 2.22 3.41 -38.64
CA ILE A 659 0.82 3.29 -39.04
C ILE A 659 0.78 3.66 -40.52
N CYS A 660 0.66 2.65 -41.36
CA CYS A 660 0.70 2.87 -42.79
C CYS A 660 -0.63 2.79 -43.53
N ASP A 661 -0.68 3.58 -44.60
CA ASP A 661 -1.82 3.63 -45.48
C ASP A 661 -1.72 2.38 -46.36
N ARG A 662 -2.79 1.58 -46.39
CA ARG A 662 -2.80 0.36 -47.19
C ARG A 662 -2.74 0.60 -48.71
N LYS A 663 -3.29 1.72 -49.17
CA LYS A 663 -3.27 2.04 -50.61
C LYS A 663 -1.89 2.54 -51.05
N THR A 664 -1.41 3.62 -50.44
CA THR A 664 -0.12 4.23 -50.79
C THR A 664 1.13 3.60 -50.15
N ASN A 665 0.94 2.72 -49.18
CA ASN A 665 2.04 2.08 -48.48
C ASN A 665 3.00 3.09 -47.83
N GLN A 666 2.47 4.24 -47.44
CA GLN A 666 3.29 5.27 -46.78
C GLN A 666 2.99 5.40 -45.29
N VAL A 667 3.98 5.89 -44.56
CA VAL A 667 3.86 6.07 -43.13
C VAL A 667 3.11 7.33 -42.79
N LYS A 668 1.94 7.16 -42.19
CA LYS A 668 1.09 8.27 -41.81
C LYS A 668 1.39 8.75 -40.40
N TRP A 669 1.54 7.81 -39.47
CA TRP A 669 1.82 8.11 -38.07
C TRP A 669 2.72 7.03 -37.49
N THR A 670 3.17 7.26 -36.26
CA THR A 670 3.94 6.24 -35.55
C THR A 670 3.12 6.07 -34.29
N ALA A 671 3.44 5.03 -33.52
CA ALA A 671 2.72 4.72 -32.30
C ALA A 671 3.48 3.69 -31.48
N THR A 672 3.18 3.62 -30.18
CA THR A 672 3.80 2.67 -29.28
C THR A 672 2.80 1.58 -28.89
N ARG A 673 3.25 0.62 -28.10
CA ARG A 673 2.38 -0.46 -27.67
C ARG A 673 1.27 0.08 -26.77
N VAL A 674 1.58 1.13 -26.02
CA VAL A 674 0.58 1.73 -25.15
C VAL A 674 -0.57 2.25 -26.00
N ASP A 675 -0.25 2.79 -27.16
CA ASP A 675 -1.26 3.32 -28.05
C ASP A 675 -2.07 2.23 -28.72
N LEU A 676 -1.35 1.29 -29.33
CA LEU A 676 -1.98 0.23 -30.07
C LEU A 676 -2.69 -0.85 -29.27
N VAL A 677 -2.40 -0.97 -27.98
CA VAL A 677 -3.08 -2.00 -27.22
C VAL A 677 -4.59 -1.68 -27.18
N PHE A 678 -4.93 -0.41 -27.31
CA PHE A 678 -6.33 0.03 -27.31
C PHE A 678 -7.07 -0.36 -28.56
N GLY A 679 -6.31 -0.86 -29.53
CA GLY A 679 -6.88 -1.31 -30.78
C GLY A 679 -6.55 -2.76 -31.02
N SER A 680 -6.05 -3.44 -29.99
CA SER A 680 -5.67 -4.85 -30.08
C SER A 680 -6.40 -5.69 -29.04
N ASN A 681 -6.32 -5.25 -27.78
CA ASN A 681 -7.00 -5.94 -26.70
C ASN A 681 -8.49 -5.88 -27.04
N SER A 682 -9.17 -7.02 -27.00
CA SER A 682 -10.58 -7.09 -27.37
C SER A 682 -11.49 -6.21 -26.51
N ILE A 683 -11.21 -6.12 -25.21
CA ILE A 683 -12.02 -5.29 -24.34
C ILE A 683 -11.72 -3.81 -24.58
N LEU A 684 -10.44 -3.45 -24.66
CA LEU A 684 -10.08 -2.06 -24.90
C LEU A 684 -10.53 -1.59 -26.28
N ARG A 685 -10.45 -2.46 -27.28
CA ARG A 685 -10.89 -2.04 -28.60
C ARG A 685 -12.39 -1.81 -28.63
N ALA A 686 -13.13 -2.56 -27.82
CA ALA A 686 -14.57 -2.38 -27.76
C ALA A 686 -14.83 -0.96 -27.24
N TYR A 687 -14.04 -0.53 -26.27
CA TYR A 687 -14.18 0.83 -25.73
C TYR A 687 -13.77 1.84 -26.80
N SER A 688 -12.65 1.57 -27.46
CA SER A 688 -12.18 2.45 -28.52
C SER A 688 -13.23 2.61 -29.61
N GLU A 689 -13.85 1.50 -30.00
CA GLU A 689 -14.88 1.56 -31.04
C GLU A 689 -16.04 2.45 -30.60
N LEU A 690 -16.46 2.31 -29.35
CA LEU A 690 -17.54 3.12 -28.81
C LEU A 690 -17.25 4.61 -28.98
N TYR A 691 -16.06 5.02 -28.55
CA TYR A 691 -15.67 6.42 -28.65
C TYR A 691 -15.35 6.89 -30.05
N ALA A 692 -15.31 5.95 -31.00
CA ALA A 692 -15.04 6.28 -32.40
C ALA A 692 -16.34 6.34 -33.20
N GLN A 693 -17.47 6.10 -32.54
CA GLN A 693 -18.77 6.15 -33.18
C GLN A 693 -19.07 7.58 -33.58
N ASP A 694 -19.78 7.73 -34.69
CA ASP A 694 -20.15 9.06 -35.19
C ASP A 694 -20.95 9.86 -34.16
N ASP A 695 -21.74 9.17 -33.35
CA ASP A 695 -22.60 9.80 -32.34
C ASP A 695 -22.03 10.00 -30.94
N ASN A 696 -20.74 9.74 -30.75
CA ASN A 696 -20.17 9.91 -29.41
C ASN A 696 -19.09 10.95 -29.20
N LYS A 697 -19.03 11.93 -30.08
CA LYS A 697 -18.06 13.00 -29.95
C LYS A 697 -18.21 13.76 -28.64
N GLU A 698 -19.43 14.15 -28.30
CA GLU A 698 -19.67 14.86 -27.05
C GLU A 698 -19.49 13.94 -25.84
N LYS A 699 -19.90 12.68 -25.98
CA LYS A 699 -19.74 11.73 -24.89
C LYS A 699 -18.26 11.56 -24.59
N PHE A 700 -17.44 11.55 -25.64
CA PHE A 700 -16.02 11.42 -25.44
C PHE A 700 -15.48 12.61 -24.63
N VAL A 701 -15.85 13.82 -25.03
CA VAL A 701 -15.40 15.03 -24.33
C VAL A 701 -15.87 15.03 -22.88
N ARG A 702 -17.16 14.78 -22.68
CA ARG A 702 -17.75 14.74 -21.34
C ARG A 702 -17.06 13.68 -20.48
N ASP A 703 -16.80 12.51 -21.06
CA ASP A 703 -16.14 11.44 -20.33
C ASP A 703 -14.66 11.71 -20.06
N PHE A 704 -13.98 12.37 -21.00
CA PHE A 704 -12.57 12.70 -20.81
C PHE A 704 -12.45 13.67 -19.64
N VAL A 705 -13.31 14.67 -19.66
CA VAL A 705 -13.35 15.71 -18.63
C VAL A 705 -13.58 15.13 -17.24
N ALA A 706 -14.57 14.25 -17.12
CA ALA A 706 -14.90 13.63 -15.84
C ALA A 706 -13.72 12.82 -15.30
N ALA A 707 -13.03 12.12 -16.20
CA ALA A 707 -11.88 11.33 -15.80
C ALA A 707 -10.75 12.28 -15.39
N TRP A 708 -10.58 13.36 -16.15
CA TRP A 708 -9.55 14.34 -15.85
C TRP A 708 -9.79 14.89 -14.45
N THR A 709 -11.04 15.23 -14.16
CA THR A 709 -11.44 15.77 -12.87
C THR A 709 -11.17 14.77 -11.74
N LYS A 710 -11.52 13.51 -11.97
CA LYS A 710 -11.31 12.45 -10.99
C LYS A 710 -9.83 12.37 -10.61
N VAL A 711 -8.94 12.51 -11.60
CA VAL A 711 -7.51 12.45 -11.33
C VAL A 711 -7.02 13.70 -10.58
N MET A 712 -7.47 14.88 -10.98
CA MET A 712 -7.05 16.10 -10.29
C MET A 712 -7.53 16.15 -8.83
N ASN A 713 -8.66 15.50 -8.53
CA ASN A 713 -9.24 15.49 -7.18
C ASN A 713 -9.07 14.23 -6.35
N ALA A 714 -8.24 13.29 -6.82
CA ALA A 714 -8.04 12.03 -6.11
C ALA A 714 -7.52 12.10 -4.67
N ASP A 715 -6.59 13.01 -4.41
CA ASP A 715 -6.01 13.14 -3.06
C ASP A 715 -6.73 14.17 -2.18
N ARG A 716 -7.86 14.68 -2.66
CA ARG A 716 -8.61 15.68 -1.91
C ARG A 716 -9.42 15.16 -0.73
N PHE A 717 -8.75 14.53 0.23
CA PHE A 717 -9.44 14.02 1.41
C PHE A 717 -9.78 15.17 2.36
N ASP A 718 -9.17 16.34 2.13
CA ASP A 718 -9.44 17.51 2.96
C ASP A 718 -10.85 18.02 2.70
N LEU A 719 -11.47 17.55 1.62
CA LEU A 719 -12.82 17.96 1.26
C LEU A 719 -13.92 17.02 1.78
N ASP A 720 -15.08 17.62 2.00
CA ASP A 720 -16.28 17.00 2.56
C ASP A 720 -17.28 16.47 1.51
#